data_4YLU
#
_entry.id   4YLU
#
_cell.length_a   63.439
_cell.length_b   114.930
_cell.length_c   92.341
_cell.angle_alpha   90.00
_cell.angle_beta   90.89
_cell.angle_gamma   90.00
#
_symmetry.space_group_name_H-M   'P 1 21 1'
#
loop_
_entity.id
_entity.type
_entity.pdbx_description
1 polymer 'ORF1a protein'
2 non-polymer N-{4-[(1H-benzotriazol-1-ylacetyl)(thiophen-3-ylmethyl)amino]phenyl}propanamide
3 non-polymer 'ACETATE ION'
4 water water
#
_entity_poly.entity_id   1
_entity_poly.type   'polypeptide(L)'
_entity_poly.pdbx_seq_one_letter_code
;SGLVKMSHPSGDVEACMVQVTCGSMTLNGLWLDNTVWCPRHVMCPADQLSDPNYDALLISMTNHSFSVQKHIGAPANLRV
VGHAMQGTLLKLTVDVANPSTPAYTFTTVKPGAAFSVLACYNGRPTGTFTVVMRPNYTIKGSFLCGSCGSVGYTKEGSVI
NFCYMHQMELANGTHTGSAFDGTMYGAFMDKQVHQVQLTDKYCSVNVVAWLYAAILNGCAWFVKPNRTSVVSFNEWALAN
QFTEFVGTQSVDMLAVKTGVAIEQLLYAIQQLYTGFQGKQILGSTMLEDEFTPEDVNMQIMGVVMQ
;
_entity_poly.pdbx_strand_id   A,B,C,D
#
# COMPACT_ATOMS: atom_id res chain seq x y z
N SER A 1 15.03 29.74 -7.01
CA SER A 1 14.50 30.41 -8.23
C SER A 1 14.90 29.57 -9.47
N GLY A 2 14.40 29.94 -10.65
CA GLY A 2 14.55 29.14 -11.86
C GLY A 2 13.20 28.51 -12.25
N LEU A 3 13.00 28.35 -13.55
CA LEU A 3 11.80 27.69 -14.05
C LEU A 3 12.27 26.68 -15.08
N VAL A 4 12.00 25.42 -14.86
CA VAL A 4 12.38 24.40 -15.81
C VAL A 4 11.19 23.50 -16.06
N LYS A 5 11.25 22.72 -17.15
CA LYS A 5 10.28 21.67 -17.40
C LYS A 5 10.41 20.57 -16.34
N MET A 6 9.35 20.39 -15.58
CA MET A 6 9.39 19.51 -14.42
C MET A 6 8.30 18.46 -14.52
N SER A 7 8.67 17.22 -14.22
CA SER A 7 7.75 16.11 -14.10
C SER A 7 7.67 15.56 -12.66
N HIS A 8 6.59 14.86 -12.36
CA HIS A 8 6.39 14.17 -11.09
C HIS A 8 7.41 13.07 -10.89
N PRO A 9 7.82 12.85 -9.63
CA PRO A 9 8.59 11.60 -9.39
C PRO A 9 7.79 10.41 -9.93
N SER A 10 8.47 9.44 -10.53
CA SER A 10 7.77 8.43 -11.33
C SER A 10 7.67 7.09 -10.65
N GLY A 11 8.24 6.94 -9.45
CA GLY A 11 8.40 5.63 -8.85
C GLY A 11 7.09 4.89 -8.64
N ASP A 12 6.07 5.59 -8.18
CA ASP A 12 4.72 5.05 -8.01
C ASP A 12 4.19 4.33 -9.24
N VAL A 13 4.39 4.97 -10.40
CA VAL A 13 3.89 4.47 -11.67
C VAL A 13 4.80 3.39 -12.30
N GLU A 14 6.10 3.53 -12.12
CA GLU A 14 7.05 2.51 -12.54
C GLU A 14 6.64 1.10 -12.12
N ALA A 15 6.22 0.96 -10.86
CA ALA A 15 5.80 -0.30 -10.26
C ALA A 15 4.51 -0.87 -10.83
N CYS A 16 3.82 -0.11 -11.66
CA CYS A 16 2.60 -0.59 -12.36
C CYS A 16 2.80 -0.96 -13.84
N MET A 17 3.97 -0.69 -14.40
CA MET A 17 4.14 -0.97 -15.84
C MET A 17 4.45 -2.46 -16.08
N VAL A 18 3.83 -2.99 -17.14
CA VAL A 18 4.09 -4.37 -17.63
C VAL A 18 4.14 -4.44 -19.18
N GLN A 19 4.53 -5.59 -19.68
CA GLN A 19 4.50 -5.84 -21.12
C GLN A 19 3.32 -6.73 -21.46
N VAL A 20 2.53 -6.31 -22.44
CA VAL A 20 1.42 -7.10 -22.91
C VAL A 20 1.72 -7.63 -24.31
N THR A 21 1.46 -8.91 -24.49
CA THR A 21 1.76 -9.63 -25.73
C THR A 21 0.47 -10.27 -26.25
N CYS A 22 0.21 -10.09 -27.53
CA CYS A 22 -0.88 -10.75 -28.20
C CYS A 22 -0.34 -11.36 -29.49
N GLY A 23 0.19 -12.57 -29.40
CA GLY A 23 0.73 -13.24 -30.55
C GLY A 23 2.06 -12.64 -30.91
N SER A 24 2.15 -12.10 -32.14
CA SER A 24 3.40 -11.50 -32.61
C SER A 24 3.52 -10.01 -32.22
N MET A 25 2.45 -9.45 -31.69
CA MET A 25 2.42 -8.05 -31.29
C MET A 25 2.70 -7.80 -29.81
N THR A 26 3.46 -6.75 -29.52
CA THR A 26 3.77 -6.46 -28.12
C THR A 26 3.79 -4.95 -27.86
N LEU A 27 3.33 -4.56 -26.66
CA LEU A 27 3.43 -3.18 -26.18
C LEU A 27 3.32 -3.10 -24.62
N ASN A 28 3.05 -1.92 -24.07
CA ASN A 28 3.03 -1.73 -22.63
C ASN A 28 1.62 -1.69 -22.09
N GLY A 29 1.52 -2.05 -20.81
CA GLY A 29 0.24 -2.09 -20.13
C GLY A 29 0.38 -1.57 -18.72
N LEU A 30 -0.76 -1.26 -18.11
CA LEU A 30 -0.83 -0.66 -16.76
C LEU A 30 -1.60 -1.57 -15.82
N TRP A 31 -0.89 -2.08 -14.83
CA TRP A 31 -1.35 -3.12 -13.91
C TRP A 31 -1.74 -2.47 -12.59
N LEU A 32 -3.04 -2.47 -12.34
CA LEU A 32 -3.69 -1.88 -11.19
C LEU A 32 -4.56 -2.94 -10.56
N ASP A 33 -4.19 -3.33 -9.34
CA ASP A 33 -4.80 -4.49 -8.70
C ASP A 33 -4.87 -5.65 -9.70
N ASN A 34 -6.08 -6.03 -10.04
CA ASN A 34 -6.43 -7.18 -10.84
C ASN A 34 -6.52 -6.98 -12.35
N THR A 35 -6.36 -5.74 -12.78
CA THR A 35 -6.65 -5.35 -14.16
C THR A 35 -5.40 -4.83 -14.82
N VAL A 36 -5.23 -5.16 -16.11
CA VAL A 36 -4.14 -4.63 -16.92
C VAL A 36 -4.80 -3.93 -18.08
N TRP A 37 -4.56 -2.62 -18.17
CA TRP A 37 -4.99 -1.78 -19.28
C TRP A 37 -3.97 -1.69 -20.40
N CYS A 38 -4.40 -1.75 -21.66
CA CYS A 38 -3.48 -1.50 -22.76
C CYS A 38 -4.21 -1.12 -24.03
N PRO A 39 -3.50 -0.59 -25.04
CA PRO A 39 -4.23 -0.21 -26.26
C PRO A 39 -4.82 -1.45 -26.99
N ARG A 40 -6.02 -1.35 -27.52
CA ARG A 40 -6.61 -2.53 -28.18
C ARG A 40 -5.89 -2.86 -29.50
N HIS A 41 -5.13 -1.94 -30.09
CA HIS A 41 -4.42 -2.25 -31.34
C HIS A 41 -3.28 -3.26 -31.14
N VAL A 42 -3.03 -3.69 -29.89
CA VAL A 42 -2.16 -4.85 -29.66
C VAL A 42 -2.71 -6.12 -30.39
N MET A 43 -4.02 -6.17 -30.58
CA MET A 43 -4.68 -7.28 -31.28
C MET A 43 -4.51 -7.26 -32.81
N CYS A 44 -4.15 -6.12 -33.40
CA CYS A 44 -4.31 -5.96 -34.85
C CYS A 44 -3.07 -6.38 -35.66
N PRO A 45 -3.23 -7.32 -36.62
CA PRO A 45 -2.13 -7.75 -37.50
C PRO A 45 -1.70 -6.66 -38.46
N ALA A 46 -0.42 -6.60 -38.81
CA ALA A 46 0.11 -5.57 -39.70
C ALA A 46 -0.74 -5.49 -40.93
N ASP A 47 -1.11 -6.68 -41.37
CA ASP A 47 -2.13 -6.92 -42.35
C ASP A 47 -3.27 -5.89 -42.36
N GLN A 48 -3.77 -5.55 -41.16
CA GLN A 48 -5.08 -4.90 -41.03
C GLN A 48 -5.06 -3.50 -40.40
N LEU A 49 -3.89 -2.91 -40.29
CA LEU A 49 -3.74 -1.69 -39.50
C LEU A 49 -4.52 -0.50 -40.05
N SER A 50 -4.69 -0.46 -41.38
CA SER A 50 -5.37 0.65 -42.01
CA SER A 50 -5.36 0.67 -41.99
C SER A 50 -6.87 0.63 -41.75
N ASP A 51 -7.45 -0.56 -41.73
CA ASP A 51 -8.90 -0.69 -41.57
C ASP A 51 -9.22 -1.83 -40.64
N PRO A 52 -8.90 -1.66 -39.35
CA PRO A 52 -9.13 -2.70 -38.35
C PRO A 52 -10.58 -2.80 -37.93
N ASN A 53 -11.12 -4.00 -37.98
CA ASN A 53 -12.38 -4.32 -37.35
C ASN A 53 -12.08 -4.87 -35.96
N TYR A 54 -12.07 -3.99 -34.96
CA TYR A 54 -11.74 -4.37 -33.60
C TYR A 54 -12.76 -5.30 -32.93
N ASP A 55 -14.05 -5.14 -33.23
CA ASP A 55 -15.06 -6.04 -32.67
C ASP A 55 -14.76 -7.47 -33.14
N ALA A 56 -14.57 -7.65 -34.44
CA ALA A 56 -14.21 -8.96 -35.02
C ALA A 56 -12.91 -9.50 -34.47
N LEU A 57 -11.93 -8.63 -34.23
CA LEU A 57 -10.65 -9.09 -33.71
C LEU A 57 -10.85 -9.64 -32.31
N LEU A 58 -11.69 -8.97 -31.51
CA LEU A 58 -11.86 -9.34 -30.11
C LEU A 58 -12.43 -10.76 -29.99
N ILE A 59 -13.51 -11.03 -30.69
CA ILE A 59 -14.15 -12.33 -30.62
C ILE A 59 -13.24 -13.45 -31.12
N SER A 60 -12.27 -13.13 -31.95
CA SER A 60 -11.35 -14.15 -32.42
C SER A 60 -10.36 -14.56 -31.35
N MET A 61 -10.37 -13.86 -30.21
CA MET A 61 -9.38 -14.07 -29.16
C MET A 61 -9.95 -14.85 -27.99
N THR A 62 -9.09 -15.57 -27.29
CA THR A 62 -9.40 -16.13 -26.00
C THR A 62 -8.41 -15.55 -25.00
N ASN A 63 -8.53 -15.95 -23.75
CA ASN A 63 -7.61 -15.51 -22.71
C ASN A 63 -6.18 -15.94 -23.02
N HIS A 64 -6.01 -17.07 -23.68
CA HIS A 64 -4.69 -17.61 -24.01
CA HIS A 64 -4.64 -17.53 -23.91
C HIS A 64 -4.00 -16.82 -25.11
N SER A 65 -4.79 -16.06 -25.87
CA SER A 65 -4.22 -15.18 -26.92
C SER A 65 -3.29 -14.08 -26.36
N PHE A 66 -3.46 -13.77 -25.07
CA PHE A 66 -2.70 -12.71 -24.40
C PHE A 66 -1.77 -13.24 -23.34
N SER A 67 -0.63 -12.58 -23.15
CA SER A 67 0.08 -12.75 -21.90
C SER A 67 0.74 -11.44 -21.45
N VAL A 68 1.08 -11.42 -20.18
CA VAL A 68 1.57 -10.24 -19.52
C VAL A 68 2.80 -10.59 -18.76
N GLN A 69 3.81 -9.72 -18.76
CA GLN A 69 4.90 -9.95 -17.85
C GLN A 69 5.46 -8.68 -17.24
N LYS A 70 6.02 -8.92 -16.06
CA LYS A 70 6.50 -7.90 -15.18
C LYS A 70 7.99 -8.00 -15.31
N HIS A 71 8.65 -6.93 -15.73
CA HIS A 71 10.10 -6.95 -15.85
C HIS A 71 10.79 -6.19 -14.71
N ILE A 72 10.32 -4.99 -14.43
CA ILE A 72 10.85 -4.18 -13.32
C ILE A 72 10.51 -4.87 -12.02
N GLY A 73 11.19 -4.51 -10.93
CA GLY A 73 10.96 -5.12 -9.63
C GLY A 73 11.13 -6.62 -9.72
N ALA A 74 10.39 -7.36 -8.90
CA ALA A 74 10.46 -8.82 -8.94
C ALA A 74 9.76 -9.33 -10.20
N PRO A 75 10.51 -9.95 -11.13
CA PRO A 75 9.86 -10.43 -12.37
C PRO A 75 8.82 -11.53 -12.15
N ALA A 76 7.82 -11.54 -13.03
CA ALA A 76 6.75 -12.53 -13.00
C ALA A 76 6.02 -12.58 -14.36
N ASN A 77 5.27 -13.65 -14.56
CA ASN A 77 4.27 -13.71 -15.60
C ASN A 77 2.92 -13.57 -14.91
N LEU A 78 1.99 -12.96 -15.61
CA LEU A 78 0.65 -12.77 -15.07
C LEU A 78 -0.28 -13.44 -16.03
N ARG A 79 -0.97 -14.46 -15.53
CA ARG A 79 -1.86 -15.21 -16.37
C ARG A 79 -3.17 -14.45 -16.56
N VAL A 80 -3.60 -14.38 -17.82
CA VAL A 80 -4.82 -13.70 -18.21
C VAL A 80 -6.02 -14.61 -18.04
N VAL A 81 -7.05 -14.14 -17.35
CA VAL A 81 -8.17 -14.96 -16.94
C VAL A 81 -9.46 -14.27 -17.31
N GLY A 82 -9.35 -13.19 -18.09
CA GLY A 82 -10.52 -12.52 -18.62
C GLY A 82 -10.07 -11.38 -19.54
N HIS A 83 -10.90 -11.01 -20.51
CA HIS A 83 -10.53 -9.97 -21.43
C HIS A 83 -11.78 -9.24 -21.88
N ALA A 84 -11.61 -7.94 -22.08
CA ALA A 84 -12.69 -7.07 -22.46
C ALA A 84 -12.11 -5.85 -23.18
N MET A 85 -12.98 -5.14 -23.88
CA MET A 85 -12.63 -3.94 -24.60
C MET A 85 -13.51 -2.83 -24.06
N GLN A 86 -12.91 -1.65 -23.81
CA GLN A 86 -13.68 -0.47 -23.46
C GLN A 86 -13.18 0.71 -24.29
N GLY A 87 -13.96 1.09 -25.31
CA GLY A 87 -13.53 2.08 -26.28
C GLY A 87 -12.29 1.61 -27.00
N THR A 88 -11.22 2.42 -26.96
CA THR A 88 -9.98 2.12 -27.66
C THR A 88 -8.97 1.36 -26.80
N LEU A 89 -9.42 0.87 -25.66
CA LEU A 89 -8.58 0.13 -24.72
C LEU A 89 -9.09 -1.30 -24.44
N LEU A 90 -8.15 -2.20 -24.13
CA LEU A 90 -8.48 -3.49 -23.48
C LEU A 90 -8.27 -3.45 -21.97
N LYS A 91 -9.14 -4.14 -21.27
CA LYS A 91 -8.99 -4.49 -19.88
C LYS A 91 -8.78 -6.01 -19.82
N LEU A 92 -7.57 -6.41 -19.45
CA LEU A 92 -7.22 -7.79 -19.20
C LEU A 92 -7.21 -8.08 -17.70
N THR A 93 -7.95 -9.09 -17.30
CA THR A 93 -7.95 -9.51 -15.91
C THR A 93 -6.84 -10.52 -15.74
N VAL A 94 -6.06 -10.38 -14.69
CA VAL A 94 -4.92 -11.25 -14.44
C VAL A 94 -5.10 -11.87 -13.06
N ASP A 95 -4.29 -12.88 -12.76
CA ASP A 95 -4.54 -13.76 -11.60
C ASP A 95 -3.78 -13.32 -10.36
N VAL A 96 -3.05 -12.23 -10.45
CA VAL A 96 -2.39 -11.66 -9.30
C VAL A 96 -2.70 -10.18 -9.27
N ALA A 97 -3.07 -9.68 -8.11
CA ALA A 97 -3.29 -8.26 -7.91
C ALA A 97 -1.95 -7.58 -7.71
N ASN A 98 -1.69 -6.47 -8.41
CA ASN A 98 -0.47 -5.71 -8.20
C ASN A 98 -0.38 -5.32 -6.69
N PRO A 99 0.63 -5.87 -5.97
CA PRO A 99 0.75 -5.51 -4.56
C PRO A 99 1.26 -4.06 -4.37
N SER A 100 1.78 -3.42 -5.41
CA SER A 100 2.19 -2.00 -5.33
C SER A 100 1.22 -1.05 -6.06
N THR A 101 -0.07 -1.35 -6.04
CA THR A 101 -1.06 -0.48 -6.63
C THR A 101 -1.18 0.80 -5.80
N PRO A 102 -0.98 1.97 -6.43
CA PRO A 102 -1.15 3.26 -5.78
C PRO A 102 -2.63 3.62 -5.60
N ALA A 103 -2.95 4.61 -4.78
CA ALA A 103 -4.28 5.18 -4.85
C ALA A 103 -4.30 5.92 -6.18
N TYR A 104 -5.36 5.78 -6.95
CA TYR A 104 -5.44 6.48 -8.24
C TYR A 104 -6.87 6.83 -8.59
N THR A 105 -7.03 7.72 -9.57
CA THR A 105 -8.32 7.96 -10.20
C THR A 105 -8.08 8.14 -11.70
N PHE A 106 -9.16 8.11 -12.47
CA PHE A 106 -9.12 8.31 -13.91
C PHE A 106 -9.75 9.62 -14.27
N THR A 107 -8.98 10.51 -14.85
CA THR A 107 -9.47 11.83 -15.24
C THR A 107 -9.21 12.09 -16.70
N THR A 108 -9.92 13.06 -17.25
CA THR A 108 -9.73 13.49 -18.63
C THR A 108 -9.20 14.92 -18.64
N VAL A 109 -8.02 15.15 -19.22
CA VAL A 109 -7.43 16.48 -19.22
C VAL A 109 -7.96 17.35 -20.37
N LYS A 110 -8.06 18.64 -20.08
CA LYS A 110 -8.52 19.61 -21.06
C LYS A 110 -7.34 20.35 -21.68
N PRO A 111 -7.57 21.01 -22.83
CA PRO A 111 -6.44 21.69 -23.47
C PRO A 111 -5.79 22.73 -22.60
N GLY A 112 -4.47 22.79 -22.66
CA GLY A 112 -3.72 23.71 -21.84
C GLY A 112 -3.22 23.05 -20.57
N ALA A 113 -3.83 21.95 -20.19
CA ALA A 113 -3.40 21.27 -18.96
C ALA A 113 -2.13 20.45 -19.19
N ALA A 114 -1.32 20.38 -18.15
CA ALA A 114 -0.05 19.64 -18.17
C ALA A 114 -0.09 18.30 -17.41
N PHE A 115 0.63 17.32 -17.93
CA PHE A 115 0.82 16.09 -17.19
C PHE A 115 2.17 15.47 -17.48
N SER A 116 2.58 14.58 -16.58
CA SER A 116 3.80 13.81 -16.71
C SER A 116 3.54 12.56 -17.51
N VAL A 117 4.52 12.19 -18.33
CA VAL A 117 4.51 10.94 -19.07
C VAL A 117 5.69 10.05 -18.67
N LEU A 118 5.43 8.78 -18.45
CA LEU A 118 6.46 7.76 -18.27
C LEU A 118 6.58 6.95 -19.54
N ALA A 119 7.59 7.25 -20.33
CA ALA A 119 7.83 6.51 -21.55
C ALA A 119 8.40 5.11 -21.26
N CYS A 120 7.81 4.09 -21.86
CA CYS A 120 8.17 2.69 -21.58
C CYS A 120 8.33 1.89 -22.86
N TYR A 121 9.25 0.92 -22.87
CA TYR A 121 9.34 -0.07 -23.96
C TYR A 121 9.44 -1.47 -23.40
N ASN A 122 8.65 -2.38 -23.97
CA ASN A 122 8.65 -3.77 -23.50
C ASN A 122 8.43 -3.84 -21.99
N GLY A 123 7.55 -2.99 -21.49
CA GLY A 123 7.23 -2.94 -20.08
C GLY A 123 8.31 -2.37 -19.19
N ARG A 124 9.39 -1.83 -19.76
CA ARG A 124 10.44 -1.21 -18.98
C ARG A 124 10.44 0.33 -19.11
N PRO A 125 10.33 1.04 -17.98
CA PRO A 125 10.45 2.51 -18.02
C PRO A 125 11.80 3.01 -18.54
N THR A 126 11.77 3.94 -19.48
CA THR A 126 13.01 4.48 -20.03
C THR A 126 13.17 5.98 -19.77
N GLY A 127 12.09 6.72 -19.65
CA GLY A 127 12.28 8.14 -19.38
C GLY A 127 10.99 8.81 -19.04
N THR A 128 11.10 10.03 -18.52
CA THR A 128 9.88 10.76 -18.21
C THR A 128 10.01 12.20 -18.67
N PHE A 129 8.89 12.79 -19.04
CA PHE A 129 8.84 14.17 -19.52
C PHE A 129 7.44 14.71 -19.30
N THR A 130 7.27 16.01 -19.40
CA THR A 130 5.98 16.65 -19.21
C THR A 130 5.47 17.29 -20.51
N VAL A 131 4.17 17.12 -20.76
CA VAL A 131 3.52 17.67 -21.96
C VAL A 131 2.30 18.46 -21.59
N VAL A 132 1.81 19.24 -22.55
CA VAL A 132 0.55 19.92 -22.40
C VAL A 132 -0.42 19.37 -23.45
N MET A 133 -1.68 19.14 -23.06
CA MET A 133 -2.71 18.77 -24.03
C MET A 133 -2.89 20.01 -24.91
N ARG A 134 -2.51 19.90 -26.17
CA ARG A 134 -2.67 21.03 -27.10
C ARG A 134 -4.15 21.30 -27.34
N PRO A 135 -4.46 22.56 -27.72
CA PRO A 135 -5.83 22.93 -28.11
C PRO A 135 -6.41 22.06 -29.21
N ASN A 136 -5.59 21.40 -30.03
CA ASN A 136 -6.12 20.49 -31.03
C ASN A 136 -6.07 19.01 -30.57
N TYR A 137 -5.89 18.81 -29.27
CA TYR A 137 -6.00 17.48 -28.63
C TYR A 137 -4.92 16.52 -29.09
N THR A 138 -3.75 17.07 -29.34
CA THR A 138 -2.57 16.27 -29.57
C THR A 138 -1.65 16.62 -28.39
N ILE A 139 -0.57 15.85 -28.23
CA ILE A 139 0.55 16.30 -27.46
C ILE A 139 1.82 16.19 -28.26
N LYS A 140 2.77 17.04 -27.87
CA LYS A 140 4.09 17.09 -28.51
C LYS A 140 5.13 16.33 -27.68
N GLY A 141 5.28 15.05 -27.98
CA GLY A 141 6.09 14.19 -27.17
C GLY A 141 7.31 13.63 -27.82
N SER A 142 7.83 12.59 -27.22
CA SER A 142 8.94 11.85 -27.78
C SER A 142 8.66 10.36 -27.59
N PHE A 143 8.18 9.74 -28.66
CA PHE A 143 7.71 8.36 -28.67
C PHE A 143 8.21 7.61 -29.91
N LEU A 144 8.74 6.41 -29.69
CA LEU A 144 9.07 5.46 -30.74
C LEU A 144 8.04 4.33 -30.78
N CYS A 145 8.08 3.56 -31.85
CA CYS A 145 7.16 2.43 -31.97
C CYS A 145 7.58 1.49 -30.85
N GLY A 146 6.62 0.93 -30.15
CA GLY A 146 6.97 0.17 -28.95
C GLY A 146 6.57 0.91 -27.69
N SER A 147 6.30 2.21 -27.81
CA SER A 147 6.02 3.08 -26.67
C SER A 147 4.53 3.11 -26.33
N CYS A 148 3.72 2.52 -27.20
CA CYS A 148 2.29 2.48 -26.99
C CYS A 148 1.98 1.82 -25.67
N GLY A 149 1.00 2.38 -24.95
CA GLY A 149 0.66 1.94 -23.63
C GLY A 149 1.38 2.67 -22.50
N SER A 150 2.39 3.46 -22.84
CA SER A 150 2.99 4.40 -21.89
C SER A 150 1.88 5.30 -21.35
N VAL A 151 2.00 5.73 -20.09
CA VAL A 151 0.93 6.50 -19.48
C VAL A 151 1.33 7.90 -19.10
N GLY A 152 0.33 8.76 -19.06
CA GLY A 152 0.45 10.09 -18.54
C GLY A 152 -0.41 10.27 -17.29
N TYR A 153 0.06 11.13 -16.38
CA TYR A 153 -0.57 11.29 -15.08
C TYR A 153 -0.17 12.62 -14.42
N THR A 154 -0.96 12.98 -13.42
CA THR A 154 -0.64 13.99 -12.45
C THR A 154 -0.85 13.35 -11.11
N LYS A 155 -0.56 14.10 -10.04
CA LYS A 155 -0.66 13.54 -8.70
C LYS A 155 -1.16 14.63 -7.74
N GLU A 156 -2.18 14.28 -6.95
CA GLU A 156 -2.70 15.12 -5.86
C GLU A 156 -2.61 14.35 -4.55
N GLY A 157 -1.78 14.84 -3.65
CA GLY A 157 -1.46 14.10 -2.44
C GLY A 157 -0.89 12.74 -2.81
N SER A 158 -1.51 11.69 -2.31
CA SER A 158 -1.13 10.32 -2.62
C SER A 158 -1.81 9.78 -3.88
N VAL A 159 -2.77 10.52 -4.43
CA VAL A 159 -3.66 9.97 -5.48
C VAL A 159 -3.09 10.23 -6.86
N ILE A 160 -2.79 9.19 -7.62
CA ILE A 160 -2.31 9.40 -8.99
C ILE A 160 -3.52 9.59 -9.89
N ASN A 161 -3.54 10.66 -10.68
CA ASN A 161 -4.57 10.83 -11.69
C ASN A 161 -4.03 10.31 -12.99
N PHE A 162 -4.46 9.11 -13.41
CA PHE A 162 -4.11 8.59 -14.72
C PHE A 162 -5.01 9.27 -15.76
N CYS A 163 -4.41 9.99 -16.70
CA CYS A 163 -5.19 10.78 -17.66
C CYS A 163 -4.88 10.46 -19.11
N TYR A 164 -3.90 9.61 -19.37
CA TYR A 164 -3.45 9.38 -20.74
C TYR A 164 -2.80 8.02 -20.91
N MET A 165 -3.18 7.32 -21.97
CA MET A 165 -2.42 6.14 -22.36
C MET A 165 -2.07 6.29 -23.84
N HIS A 166 -0.81 6.08 -24.16
CA HIS A 166 -0.33 6.46 -25.46
C HIS A 166 -0.79 5.47 -26.52
N GLN A 167 -1.28 5.99 -27.65
CA GLN A 167 -1.87 5.17 -28.72
C GLN A 167 -1.15 5.28 -30.08
N MET A 168 -0.86 6.49 -30.55
CA MET A 168 -0.36 6.64 -31.92
C MET A 168 0.40 7.95 -32.20
N GLU A 169 1.21 7.91 -33.25
CA GLU A 169 1.83 9.10 -33.82
C GLU A 169 1.00 9.55 -35.00
N LEU A 170 0.58 10.82 -35.01
CA LEU A 170 -0.22 11.39 -36.10
C LEU A 170 0.59 12.06 -37.21
N ALA A 171 1.79 12.47 -36.88
CA ALA A 171 2.64 13.23 -37.78
C ALA A 171 3.90 13.49 -36.97
N ASN A 172 4.88 14.15 -37.56
CA ASN A 172 6.19 14.18 -36.93
C ASN A 172 6.09 14.87 -35.58
N GLY A 173 6.64 14.23 -34.54
CA GLY A 173 6.61 14.77 -33.18
C GLY A 173 5.22 15.08 -32.62
N THR A 174 4.19 14.50 -33.23
CA THR A 174 2.80 14.80 -32.86
C THR A 174 2.05 13.52 -32.51
N HIS A 175 1.45 13.51 -31.32
CA HIS A 175 0.99 12.25 -30.73
C HIS A 175 -0.38 12.37 -30.09
N THR A 176 -1.09 11.25 -29.97
CA THR A 176 -2.27 11.23 -29.13
C THR A 176 -2.54 9.83 -28.56
N GLY A 177 -3.60 9.77 -27.75
CA GLY A 177 -3.85 8.61 -26.94
C GLY A 177 -5.21 8.73 -26.33
N SER A 178 -5.54 7.84 -25.39
CA SER A 178 -6.86 7.88 -24.80
C SER A 178 -6.85 8.16 -23.33
N ALA A 179 -8.01 8.59 -22.83
CA ALA A 179 -8.29 8.59 -21.41
C ALA A 179 -8.72 7.18 -21.00
N PHE A 180 -8.80 6.90 -19.71
CA PHE A 180 -8.97 5.51 -19.30
C PHE A 180 -10.42 5.04 -19.34
N ASP A 181 -11.33 5.93 -19.71
CA ASP A 181 -12.67 5.54 -20.06
C ASP A 181 -12.65 5.03 -21.51
N GLY A 182 -11.48 5.03 -22.15
CA GLY A 182 -11.29 4.44 -23.47
C GLY A 182 -11.48 5.39 -24.66
N THR A 183 -11.88 6.62 -24.36
CA THR A 183 -12.12 7.63 -25.38
CA THR A 183 -12.12 7.59 -25.41
C THR A 183 -10.80 8.23 -25.84
N MET A 184 -10.61 8.39 -27.13
CA MET A 184 -9.38 8.95 -27.64
C MET A 184 -9.45 10.46 -27.58
N TYR A 185 -8.40 11.13 -27.10
CA TYR A 185 -8.36 12.60 -27.14
C TYR A 185 -8.52 13.14 -28.58
N GLY A 186 -9.36 14.16 -28.75
CA GLY A 186 -9.58 14.72 -30.08
C GLY A 186 -10.44 13.86 -31.01
N ALA A 187 -10.93 12.73 -30.48
CA ALA A 187 -11.69 11.75 -31.26
C ALA A 187 -10.91 11.30 -32.48
N PHE A 188 -9.59 11.31 -32.40
CA PHE A 188 -8.81 10.58 -33.37
C PHE A 188 -9.12 9.08 -33.35
N MET A 189 -8.91 8.43 -34.50
CA MET A 189 -9.21 7.02 -34.69
C MET A 189 -7.95 6.19 -34.56
N ASP A 190 -8.05 5.03 -33.91
CA ASP A 190 -6.92 4.12 -33.83
C ASP A 190 -6.91 3.23 -35.07
N LYS A 191 -6.39 3.83 -36.13
CA LYS A 191 -6.34 3.25 -37.47
C LYS A 191 -5.17 3.89 -38.16
N GLN A 192 -4.43 3.13 -38.96
CA GLN A 192 -3.35 3.67 -39.75
C GLN A 192 -3.87 4.29 -41.03
N VAL A 193 -4.49 5.45 -40.89
CA VAL A 193 -5.06 6.24 -41.99
C VAL A 193 -4.79 7.69 -41.64
N HIS A 194 -4.50 8.52 -42.63
CA HIS A 194 -4.22 9.92 -42.35
C HIS A 194 -5.42 10.62 -41.73
N GLN A 195 -5.18 11.43 -40.70
CA GLN A 195 -6.25 12.20 -40.08
C GLN A 195 -5.81 13.64 -39.90
N VAL A 196 -6.64 14.58 -40.37
CA VAL A 196 -6.30 16.00 -40.30
C VAL A 196 -6.45 16.48 -38.86
N GLN A 197 -5.51 17.34 -38.44
CA GLN A 197 -5.58 17.98 -37.13
C GLN A 197 -6.34 19.30 -37.15
N LEU A 198 -7.04 19.58 -36.07
CA LEU A 198 -7.48 20.94 -35.87
C LEU A 198 -6.26 21.84 -35.63
N THR A 199 -6.48 23.14 -35.68
CA THR A 199 -5.37 24.06 -35.60
C THR A 199 -4.87 24.12 -34.16
N ASP A 200 -3.57 24.07 -34.00
CA ASP A 200 -2.90 24.26 -32.72
C ASP A 200 -2.90 25.79 -32.47
N LYS A 201 -2.86 26.17 -31.20
CA LYS A 201 -2.96 27.55 -30.80
C LYS A 201 -2.02 27.75 -29.64
N TYR A 202 -1.59 28.99 -29.41
CA TYR A 202 -0.94 29.37 -28.18
C TYR A 202 -1.92 29.26 -27.04
N CYS A 203 -1.48 28.68 -25.92
CA CYS A 203 -2.34 28.60 -24.75
C CYS A 203 -2.11 29.85 -23.90
N SER A 204 -3.02 30.81 -24.09
CA SER A 204 -2.91 32.17 -23.56
C SER A 204 -2.66 32.20 -22.05
N VAL A 205 -3.45 31.46 -21.30
CA VAL A 205 -3.34 31.50 -19.85
C VAL A 205 -1.99 30.94 -19.36
N ASN A 206 -1.41 29.99 -20.10
CA ASN A 206 -0.07 29.50 -19.81
C ASN A 206 0.99 30.58 -20.16
N VAL A 207 0.78 31.29 -21.26
CA VAL A 207 1.72 32.33 -21.69
C VAL A 207 1.73 33.40 -20.59
N VAL A 208 0.54 33.71 -20.08
CA VAL A 208 0.41 34.65 -18.97
C VAL A 208 1.17 34.16 -17.73
N ALA A 209 1.05 32.85 -17.47
CA ALA A 209 1.76 32.22 -16.33
C ALA A 209 3.27 32.40 -16.47
N TRP A 210 3.77 32.19 -17.67
CA TRP A 210 5.20 32.21 -17.90
C TRP A 210 5.77 33.64 -17.82
N LEU A 211 4.97 34.63 -18.18
CA LEU A 211 5.41 36.01 -18.08
C LEU A 211 5.51 36.37 -16.59
N TYR A 212 4.57 35.89 -15.80
CA TYR A 212 4.65 36.08 -14.36
C TYR A 212 5.90 35.40 -13.81
N ALA A 213 6.22 34.21 -14.28
CA ALA A 213 7.43 33.54 -13.82
C ALA A 213 8.63 34.43 -14.11
N ALA A 214 8.71 34.94 -15.32
CA ALA A 214 9.77 35.87 -15.73
C ALA A 214 9.93 37.05 -14.77
N ILE A 215 8.82 37.72 -14.47
CA ILE A 215 8.81 38.86 -13.55
C ILE A 215 9.37 38.44 -12.20
N LEU A 216 8.95 37.26 -11.75
CA LEU A 216 9.37 36.81 -10.45
C LEU A 216 10.84 36.40 -10.47
N ASN A 217 11.41 36.17 -11.65
CA ASN A 217 12.83 35.80 -11.78
C ASN A 217 13.68 36.98 -12.23
N GLY A 218 13.19 38.20 -12.04
CA GLY A 218 13.95 39.39 -12.41
C GLY A 218 13.91 39.78 -13.90
N CYS A 219 12.89 39.34 -14.61
CA CYS A 219 12.79 39.65 -16.04
C CYS A 219 11.42 40.29 -16.27
N ALA A 220 11.39 41.62 -16.35
CA ALA A 220 10.12 42.36 -16.39
C ALA A 220 10.11 43.55 -17.37
N TRP A 221 11.01 43.55 -18.34
CA TRP A 221 11.08 44.65 -19.31
C TRP A 221 9.85 44.85 -20.20
N PHE A 222 9.10 43.78 -20.40
CA PHE A 222 7.86 43.80 -21.18
C PHE A 222 6.65 44.32 -20.41
N VAL A 223 6.81 44.61 -19.13
CA VAL A 223 5.71 45.12 -18.32
C VAL A 223 5.60 46.63 -18.50
N LYS A 224 4.41 47.09 -18.84
CA LYS A 224 4.14 48.50 -19.07
C LYS A 224 2.78 48.80 -18.46
N PRO A 225 2.41 50.10 -18.36
CA PRO A 225 1.10 50.44 -17.80
C PRO A 225 -0.04 50.07 -18.73
N ASN A 226 0.24 50.07 -20.03
CA ASN A 226 -0.74 49.67 -21.04
C ASN A 226 -1.47 48.37 -20.62
N ARG A 227 -2.77 48.33 -20.90
CA ARG A 227 -3.62 47.19 -20.58
CA ARG A 227 -3.59 47.17 -20.59
C ARG A 227 -4.40 46.74 -21.79
N THR A 228 -5.04 45.57 -21.67
CA THR A 228 -6.00 45.05 -22.66
C THR A 228 -6.93 44.19 -21.86
N SER A 229 -8.20 44.52 -21.86
CA SER A 229 -9.17 43.75 -21.13
C SER A 229 -9.17 42.31 -21.63
N VAL A 230 -9.69 41.39 -20.84
CA VAL A 230 -9.85 40.00 -21.27
C VAL A 230 -10.70 39.90 -22.55
N VAL A 231 -11.90 40.48 -22.51
CA VAL A 231 -12.82 40.41 -23.65
C VAL A 231 -12.18 40.90 -24.93
N SER A 232 -11.44 41.99 -24.84
CA SER A 232 -10.82 42.55 -26.02
C SER A 232 -9.63 41.69 -26.41
N PHE A 233 -8.97 41.08 -25.42
CA PHE A 233 -7.91 40.13 -25.74
C PHE A 233 -8.49 38.92 -26.45
N ASN A 234 -9.63 38.43 -25.95
CA ASN A 234 -10.22 37.22 -26.49
C ASN A 234 -10.73 37.42 -27.91
N GLU A 235 -11.31 38.58 -28.23
CA GLU A 235 -11.68 38.90 -29.61
C GLU A 235 -10.43 38.94 -30.50
N TRP A 236 -9.34 39.50 -29.98
CA TRP A 236 -8.07 39.50 -30.70
C TRP A 236 -7.56 38.06 -30.92
N ALA A 237 -7.78 37.19 -29.94
CA ALA A 237 -7.18 35.85 -29.94
C ALA A 237 -7.77 34.98 -31.03
N LEU A 238 -9.09 35.05 -31.15
CA LEU A 238 -9.82 34.35 -32.21
C LEU A 238 -9.15 34.57 -33.53
N ALA A 239 -8.60 35.78 -33.73
CA ALA A 239 -8.05 36.16 -35.02
C ALA A 239 -6.55 35.90 -35.16
N ASN A 240 -5.86 35.64 -34.05
CA ASN A 240 -4.41 35.51 -34.08
C ASN A 240 -3.85 34.22 -33.44
N GLN A 241 -4.65 33.15 -33.50
CA GLN A 241 -4.18 31.82 -33.12
C GLN A 241 -3.79 31.68 -31.65
N PHE A 242 -4.55 32.33 -30.78
CA PHE A 242 -4.40 32.23 -29.34
C PHE A 242 -5.70 31.66 -28.82
N THR A 243 -5.63 30.89 -27.75
CA THR A 243 -6.80 30.42 -27.03
C THR A 243 -7.51 31.53 -26.29
N GLU A 244 -8.78 31.31 -26.03
CA GLU A 244 -9.57 32.12 -25.13
C GLU A 244 -8.93 32.12 -23.76
N PHE A 245 -8.60 33.29 -23.23
CA PHE A 245 -8.07 33.40 -21.90
C PHE A 245 -9.18 33.34 -20.88
N VAL A 246 -9.03 32.43 -19.92
CA VAL A 246 -9.92 32.35 -18.77
C VAL A 246 -9.09 32.36 -17.48
N GLY A 247 -9.35 33.34 -16.63
CA GLY A 247 -8.58 33.50 -15.41
C GLY A 247 -8.96 32.43 -14.42
N THR A 248 -8.05 32.15 -13.50
CA THR A 248 -8.29 31.20 -12.42
C THR A 248 -7.65 31.76 -11.17
N GLN A 249 -7.96 31.16 -10.03
CA GLN A 249 -7.38 31.61 -8.77
C GLN A 249 -5.86 31.46 -8.80
N SER A 250 -5.40 30.44 -9.50
CA SER A 250 -3.97 30.24 -9.65
C SER A 250 -3.29 31.47 -10.28
N VAL A 251 -3.87 31.94 -11.38
CA VAL A 251 -3.41 33.15 -12.04
C VAL A 251 -3.48 34.34 -11.09
N ASP A 252 -4.55 34.39 -10.31
CA ASP A 252 -4.83 35.55 -9.48
C ASP A 252 -3.73 35.69 -8.45
N MET A 253 -3.34 34.58 -7.82
CA MET A 253 -2.23 34.55 -6.88
C MET A 253 -0.94 35.14 -7.42
N LEU A 254 -0.69 34.91 -8.70
CA LEU A 254 0.51 35.42 -9.35
C LEU A 254 0.42 36.93 -9.55
N ALA A 255 -0.77 37.38 -9.93
CA ALA A 255 -1.06 38.80 -10.06
C ALA A 255 -0.73 39.53 -8.75
N VAL A 256 -1.29 39.03 -7.65
CA VAL A 256 -1.04 39.55 -6.31
C VAL A 256 0.45 39.54 -5.91
N LYS A 257 1.11 38.40 -6.08
CA LYS A 257 2.52 38.33 -5.72
C LYS A 257 3.38 39.32 -6.51
N THR A 258 2.99 39.63 -7.74
CA THR A 258 3.82 40.46 -8.58
C THR A 258 3.35 41.90 -8.64
N GLY A 259 2.08 42.15 -8.32
CA GLY A 259 1.53 43.50 -8.42
C GLY A 259 1.47 43.94 -9.87
N VAL A 260 1.33 42.96 -10.76
CA VAL A 260 1.20 43.20 -12.18
C VAL A 260 -0.07 42.55 -12.62
N ALA A 261 -0.91 43.30 -13.32
CA ALA A 261 -2.28 42.87 -13.63
C ALA A 261 -2.29 42.00 -14.86
N ILE A 262 -3.18 41.00 -14.85
CA ILE A 262 -3.38 40.12 -16.00
C ILE A 262 -3.47 40.96 -17.25
N GLU A 263 -4.23 42.05 -17.15
CA GLU A 263 -4.47 42.95 -18.28
C GLU A 263 -3.21 43.56 -18.86
N GLN A 264 -2.23 43.85 -18.02
CA GLN A 264 -0.94 44.33 -18.51
C GLN A 264 -0.20 43.27 -19.33
N LEU A 265 -0.32 42.02 -18.90
CA LEU A 265 0.36 40.91 -19.56
C LEU A 265 -0.37 40.56 -20.87
N LEU A 266 -1.69 40.60 -20.84
CA LEU A 266 -2.46 40.46 -22.08
C LEU A 266 -2.05 41.52 -23.13
N TYR A 267 -1.77 42.75 -22.70
CA TYR A 267 -1.26 43.78 -23.62
C TYR A 267 0.10 43.41 -24.13
N ALA A 268 0.95 42.96 -23.22
CA ALA A 268 2.29 42.56 -23.60
C ALA A 268 2.29 41.46 -24.68
N ILE A 269 1.41 40.47 -24.54
CA ILE A 269 1.38 39.34 -25.47
C ILE A 269 1.13 39.83 -26.89
N GLN A 270 0.17 40.74 -27.03
CA GLN A 270 -0.13 41.40 -28.31
C GLN A 270 1.10 42.05 -28.95
N GLN A 271 2.05 42.52 -28.14
CA GLN A 271 3.27 43.10 -28.67
C GLN A 271 4.35 42.06 -28.93
N LEU A 272 4.47 41.11 -28.01
CA LEU A 272 5.56 40.13 -28.02
C LEU A 272 5.45 39.05 -29.10
N TYR A 273 4.24 38.71 -29.53
CA TYR A 273 4.09 37.51 -30.36
C TYR A 273 4.66 37.73 -31.75
N THR A 274 4.77 38.99 -32.17
CA THR A 274 5.40 39.34 -33.42
C THR A 274 6.93 39.29 -33.31
N GLY A 275 7.44 39.21 -32.08
CA GLY A 275 8.88 39.13 -31.84
C GLY A 275 9.30 39.94 -30.63
N PHE A 276 10.46 39.63 -30.06
CA PHE A 276 10.95 40.32 -28.85
C PHE A 276 11.92 41.49 -29.19
N GLN A 277 12.08 41.77 -30.47
CA GLN A 277 12.92 42.89 -30.89
C GLN A 277 14.33 42.69 -30.36
N GLY A 278 14.84 41.47 -30.48
CA GLY A 278 16.19 41.17 -30.01
C GLY A 278 16.36 40.89 -28.52
N LYS A 279 15.31 41.06 -27.71
CA LYS A 279 15.42 40.77 -26.27
C LYS A 279 15.00 39.33 -25.96
N GLN A 280 15.18 38.92 -24.71
CA GLN A 280 14.93 37.54 -24.32
C GLN A 280 14.10 37.46 -23.07
N ILE A 281 13.29 36.40 -22.97
CA ILE A 281 12.49 36.18 -21.76
C ILE A 281 12.72 34.77 -21.27
N LEU A 282 13.30 34.71 -20.07
CA LEU A 282 13.79 33.48 -19.48
C LEU A 282 14.56 32.66 -20.50
N GLY A 283 15.54 33.29 -21.12
CA GLY A 283 16.39 32.63 -22.08
C GLY A 283 15.73 32.27 -23.41
N SER A 284 14.48 32.67 -23.63
CA SER A 284 13.75 32.34 -24.86
CA SER A 284 13.79 32.34 -24.88
C SER A 284 13.46 33.57 -25.73
N THR A 285 13.40 33.38 -27.04
CA THR A 285 13.11 34.47 -27.97
C THR A 285 11.70 34.35 -28.52
N MET A 286 10.96 33.37 -28.00
CA MET A 286 9.57 33.18 -28.38
C MET A 286 8.70 32.91 -27.16
N LEU A 287 7.40 33.13 -27.32
CA LEU A 287 6.45 32.82 -26.27
C LEU A 287 6.46 31.34 -25.94
N GLU A 288 6.45 31.06 -24.64
CA GLU A 288 6.38 29.70 -24.12
C GLU A 288 5.02 29.51 -23.50
N ASP A 289 4.36 28.39 -23.83
CA ASP A 289 3.01 28.13 -23.36
C ASP A 289 2.81 26.72 -22.76
N GLU A 290 3.90 26.06 -22.37
CA GLU A 290 3.76 24.74 -21.75
C GLU A 290 4.05 24.85 -20.24
N PHE A 291 4.06 26.09 -19.69
CA PHE A 291 4.14 26.29 -18.25
C PHE A 291 2.80 26.78 -17.71
N THR A 292 2.17 25.96 -16.88
CA THR A 292 0.82 26.29 -16.42
C THR A 292 0.89 27.22 -15.21
N PRO A 293 -0.22 27.91 -14.92
CA PRO A 293 -0.33 28.70 -13.68
C PRO A 293 0.07 27.92 -12.41
N GLU A 294 -0.43 26.68 -12.32
CA GLU A 294 -0.22 25.81 -11.16
C GLU A 294 1.26 25.41 -11.07
N ASP A 295 1.83 25.05 -12.21
CA ASP A 295 3.24 24.72 -12.31
C ASP A 295 4.13 25.89 -11.86
N VAL A 296 3.86 27.10 -12.35
CA VAL A 296 4.64 28.28 -11.93
C VAL A 296 4.48 28.57 -10.42
N ASN A 297 3.26 28.51 -9.90
CA ASN A 297 3.08 28.69 -8.44
C ASN A 297 3.89 27.70 -7.64
N MET A 298 3.91 26.45 -8.10
CA MET A 298 4.65 25.41 -7.41
C MET A 298 6.15 25.63 -7.50
N GLN A 299 6.68 25.86 -8.70
CA GLN A 299 8.11 26.00 -8.86
C GLN A 299 8.71 27.25 -8.20
N ILE A 300 7.93 28.31 -8.09
CA ILE A 300 8.51 29.63 -7.74
C ILE A 300 8.07 30.08 -6.33
N MET A 301 6.82 29.79 -6.01
CA MET A 301 6.22 30.26 -4.76
C MET A 301 6.25 29.16 -3.72
N GLY A 302 6.30 27.92 -4.20
CA GLY A 302 6.30 26.77 -3.32
C GLY A 302 4.90 26.32 -2.93
N VAL A 303 3.88 26.88 -3.59
CA VAL A 303 2.49 26.56 -3.23
C VAL A 303 1.83 25.56 -4.20
N VAL A 304 1.20 24.54 -3.63
CA VAL A 304 0.47 23.55 -4.42
C VAL A 304 -0.88 23.26 -3.76
N SER B 1 8.71 9.44 -33.13
CA SER B 1 9.49 10.68 -33.37
C SER B 1 9.20 11.78 -32.32
N GLY B 2 9.84 12.94 -32.49
CA GLY B 2 9.83 14.02 -31.50
C GLY B 2 11.07 14.02 -30.60
N LEU B 3 11.45 15.20 -30.12
CA LEU B 3 12.57 15.37 -29.23
C LEU B 3 12.14 16.27 -28.08
N VAL B 4 12.23 15.80 -26.86
CA VAL B 4 11.90 16.64 -25.71
C VAL B 4 12.91 16.45 -24.56
N LYS B 5 12.96 17.37 -23.60
CA LYS B 5 13.76 17.14 -22.40
C LYS B 5 13.19 15.97 -21.58
N MET B 6 14.03 14.95 -21.39
CA MET B 6 13.64 13.71 -20.77
C MET B 6 14.54 13.44 -19.56
N SER B 7 13.96 12.95 -18.47
CA SER B 7 14.72 12.50 -17.33
C SER B 7 14.62 11.01 -17.13
N HIS B 8 15.58 10.47 -16.39
CA HIS B 8 15.53 9.10 -15.98
C HIS B 8 14.34 8.86 -15.07
N PRO B 9 13.74 7.66 -15.16
CA PRO B 9 12.78 7.32 -14.12
C PRO B 9 13.44 7.49 -12.73
N SER B 10 12.72 8.03 -11.77
CA SER B 10 13.33 8.43 -10.50
C SER B 10 13.10 7.42 -9.35
N GLY B 11 12.38 6.33 -9.59
CA GLY B 11 11.97 5.44 -8.49
C GLY B 11 13.13 5.00 -7.57
N ASP B 12 14.18 4.45 -8.19
CA ASP B 12 15.38 4.03 -7.49
C ASP B 12 15.96 5.08 -6.58
N VAL B 13 16.01 6.32 -7.04
CA VAL B 13 16.59 7.35 -6.21
C VAL B 13 15.63 7.83 -5.10
N GLU B 14 14.33 7.89 -5.40
CA GLU B 14 13.32 8.30 -4.43
C GLU B 14 13.45 7.51 -3.12
N ALA B 15 13.70 6.22 -3.25
CA ALA B 15 13.81 5.31 -2.12
C ALA B 15 15.10 5.53 -1.32
N CYS B 16 15.87 6.56 -1.69
CA CYS B 16 17.15 6.78 -1.08
C CYS B 16 17.17 8.11 -0.41
N MET B 17 16.14 8.93 -0.60
CA MET B 17 16.10 10.24 0.01
C MET B 17 15.62 10.17 1.48
N VAL B 18 16.29 10.96 2.32
CA VAL B 18 15.90 11.15 3.70
C VAL B 18 16.05 12.60 4.07
N GLN B 19 15.51 12.97 5.24
CA GLN B 19 15.75 14.26 5.81
C GLN B 19 16.83 14.21 6.89
N VAL B 20 17.62 15.28 6.94
CA VAL B 20 18.68 15.43 7.93
C VAL B 20 18.51 16.78 8.62
N THR B 21 18.54 16.73 9.96
CA THR B 21 18.42 17.93 10.78
C THR B 21 19.59 17.99 11.75
N CYS B 22 20.10 19.18 11.92
CA CYS B 22 21.15 19.47 12.88
C CYS B 22 20.84 20.83 13.49
N GLY B 23 20.40 20.86 14.74
CA GLY B 23 19.93 22.09 15.34
C GLY B 23 18.77 22.72 14.61
N SER B 24 18.90 24.00 14.30
CA SER B 24 17.85 24.80 13.68
C SER B 24 17.87 24.65 12.15
N MET B 25 18.68 23.72 11.66
CA MET B 25 18.85 23.56 10.23
C MET B 25 18.39 22.17 9.75
N THR B 26 17.63 22.12 8.66
CA THR B 26 17.28 20.83 8.09
C THR B 26 17.38 20.87 6.56
N LEU B 27 17.63 19.72 5.95
CA LEU B 27 17.72 19.59 4.51
C LEU B 27 17.70 18.10 4.13
N ASN B 28 17.97 17.82 2.85
CA ASN B 28 17.90 16.45 2.34
C ASN B 28 19.22 15.69 2.42
N GLY B 29 19.15 14.38 2.48
CA GLY B 29 20.31 13.53 2.33
C GLY B 29 20.03 12.28 1.53
N LEU B 30 21.12 11.65 1.13
CA LEU B 30 21.10 10.44 0.34
C LEU B 30 21.64 9.28 1.16
N TRP B 31 20.79 8.28 1.29
CA TRP B 31 21.02 7.10 2.11
C TRP B 31 21.40 5.93 1.21
N LEU B 32 22.69 5.65 1.19
CA LEU B 32 23.23 4.52 0.50
C LEU B 32 23.86 3.53 1.51
N ASP B 33 23.38 2.30 1.50
CA ASP B 33 23.85 1.28 2.47
C ASP B 33 23.89 1.88 3.87
N ASN B 34 25.03 1.85 4.55
CA ASN B 34 25.12 2.40 5.91
C ASN B 34 25.51 3.87 5.96
N THR B 35 25.61 4.52 4.79
CA THR B 35 26.01 5.93 4.76
C THR B 35 24.89 6.86 4.33
N VAL B 36 24.92 8.06 4.91
CA VAL B 36 24.01 9.15 4.58
C VAL B 36 24.84 10.41 4.31
N TRP B 37 24.73 10.89 3.08
CA TRP B 37 25.44 12.04 2.56
C TRP B 37 24.52 13.23 2.60
N CYS B 38 25.07 14.38 2.98
CA CYS B 38 24.35 15.62 2.93
C CYS B 38 25.34 16.72 2.90
N PRO B 39 24.87 17.91 2.57
CA PRO B 39 25.79 19.03 2.58
C PRO B 39 26.23 19.36 3.99
N ARG B 40 27.49 19.74 4.17
CA ARG B 40 28.02 20.05 5.49
C ARG B 40 27.48 21.35 6.06
N HIS B 41 26.98 22.27 5.23
CA HIS B 41 26.45 23.50 5.83
C HIS B 41 25.16 23.25 6.68
N VAL B 42 24.65 22.02 6.71
CA VAL B 42 23.63 21.63 7.68
C VAL B 42 24.12 21.80 9.15
N MET B 43 25.43 21.79 9.35
CA MET B 43 26.03 21.98 10.67
C MET B 43 26.04 23.41 11.11
N CYS B 44 25.97 24.29 10.15
CA CYS B 44 26.27 25.68 10.36
C CYS B 44 25.07 26.45 10.89
N PRO B 45 25.21 27.12 12.05
CA PRO B 45 24.13 27.99 12.55
C PRO B 45 23.88 29.16 11.63
N ALA B 46 22.66 29.70 11.66
CA ALA B 46 22.27 30.78 10.76
C ALA B 46 23.18 32.01 10.88
N ASP B 47 23.68 32.30 12.07
CA ASP B 47 24.49 33.50 12.28
C ASP B 47 25.94 33.35 11.79
N GLN B 48 26.33 32.16 11.30
CA GLN B 48 27.70 31.95 10.79
C GLN B 48 27.81 31.53 9.31
N LEU B 49 26.67 31.58 8.60
CA LEU B 49 26.61 31.11 7.20
C LEU B 49 27.56 31.86 6.26
N SER B 50 27.88 33.12 6.54
CA SER B 50 28.79 33.89 5.69
C SER B 50 30.27 33.59 5.97
N ASP B 51 30.56 32.85 7.03
CA ASP B 51 31.94 32.56 7.39
C ASP B 51 32.01 31.37 8.33
N PRO B 52 31.67 30.19 7.81
CA PRO B 52 31.70 29.01 8.66
C PRO B 52 33.12 28.50 8.89
N ASN B 53 33.39 28.08 10.12
CA ASN B 53 34.60 27.33 10.44
C ASN B 53 34.16 25.89 10.47
N TYR B 54 34.30 25.22 9.34
CA TYR B 54 33.74 23.89 9.23
C TYR B 54 34.53 22.92 10.08
N ASP B 55 35.81 23.20 10.29
CA ASP B 55 36.63 22.32 11.12
C ASP B 55 36.12 22.38 12.55
N ALA B 56 35.92 23.58 13.06
CA ALA B 56 35.38 23.78 14.40
C ALA B 56 34.00 23.17 14.55
N LEU B 57 33.14 23.34 13.53
CA LEU B 57 31.77 22.87 13.60
C LEU B 57 31.76 21.36 13.71
N LEU B 58 32.56 20.69 12.92
CA LEU B 58 32.62 19.25 12.97
C LEU B 58 33.04 18.82 14.37
N ILE B 59 34.05 19.48 14.92
CA ILE B 59 34.49 19.17 16.29
C ILE B 59 33.35 19.29 17.29
N SER B 60 32.56 20.36 17.25
CA SER B 60 31.47 20.49 18.20
C SER B 60 30.36 19.42 18.06
N MET B 61 30.28 18.71 16.93
CA MET B 61 29.19 17.74 16.76
C MET B 61 29.44 16.40 17.49
N THR B 62 28.37 15.81 18.00
CA THR B 62 28.36 14.38 18.29
C THR B 62 27.30 13.73 17.43
N ASN B 63 27.36 12.41 17.35
CA ASN B 63 26.34 11.65 16.68
C ASN B 63 24.90 12.00 17.12
N HIS B 64 24.76 12.59 18.30
CA HIS B 64 23.44 13.01 18.79
C HIS B 64 22.98 14.35 18.22
N SER B 65 23.89 15.11 17.62
CA SER B 65 23.52 16.37 16.98
C SER B 65 22.71 16.14 15.70
N PHE B 66 22.73 14.93 15.17
CA PHE B 66 22.11 14.67 13.86
C PHE B 66 20.86 13.85 13.98
N SER B 67 19.79 14.36 13.36
CA SER B 67 18.56 13.61 13.25
C SER B 67 18.28 13.26 11.77
N VAL B 68 18.20 11.97 11.49
CA VAL B 68 17.93 11.46 10.15
C VAL B 68 16.57 10.75 10.10
N GLN B 69 15.64 11.30 9.33
CA GLN B 69 14.30 10.73 9.17
C GLN B 69 14.01 10.30 7.72
N LYS B 70 13.36 9.15 7.59
CA LYS B 70 12.89 8.60 6.33
C LYS B 70 11.41 8.96 6.27
N HIS B 71 11.02 9.76 5.28
CA HIS B 71 9.69 10.34 5.28
C HIS B 71 8.76 9.73 4.25
N ILE B 72 9.27 8.79 3.47
CA ILE B 72 8.44 8.10 2.49
C ILE B 72 8.79 6.62 2.51
N GLY B 73 7.78 5.79 2.27
CA GLY B 73 7.95 4.37 1.99
C GLY B 73 8.74 3.49 2.94
N ALA B 74 8.78 3.82 4.23
CA ALA B 74 9.44 2.96 5.22
C ALA B 74 9.21 3.46 6.64
N PRO B 75 9.01 2.53 7.59
CA PRO B 75 8.96 2.92 9.00
C PRO B 75 10.37 2.90 9.59
N ALA B 76 11.26 3.65 8.96
CA ALA B 76 12.67 3.61 9.30
C ALA B 76 13.03 4.64 10.36
N ASN B 77 13.50 4.14 11.51
CA ASN B 77 14.16 4.98 12.52
C ASN B 77 15.66 4.85 12.36
N LEU B 78 16.32 5.97 12.09
CA LEU B 78 17.71 5.96 11.69
C LEU B 78 18.64 6.60 12.72
N ARG B 79 19.41 5.76 13.40
CA ARG B 79 20.40 6.21 14.39
C ARG B 79 21.77 6.53 13.76
N VAL B 80 22.22 7.75 13.96
CA VAL B 80 23.58 8.15 13.57
C VAL B 80 24.59 7.59 14.58
N VAL B 81 25.59 6.87 14.09
CA VAL B 81 26.57 6.21 14.94
C VAL B 81 27.99 6.62 14.53
N GLY B 82 28.10 7.54 13.58
CA GLY B 82 29.39 8.02 13.12
C GLY B 82 29.18 9.21 12.23
N HIS B 83 30.12 10.16 12.24
CA HIS B 83 30.04 11.35 11.39
C HIS B 83 31.45 11.78 10.99
N ALA B 84 31.57 12.17 9.72
CA ALA B 84 32.84 12.56 9.11
C ALA B 84 32.57 13.61 8.03
N MET B 85 33.61 14.33 7.64
CA MET B 85 33.51 15.36 6.62
C MET B 85 34.44 15.06 5.49
N GLN B 86 33.92 15.16 4.26
CA GLN B 86 34.67 14.88 3.05
C GLN B 86 34.37 16.00 2.08
N GLY B 87 35.30 16.94 1.98
CA GLY B 87 35.10 18.13 1.20
C GLY B 87 33.90 18.89 1.71
N THR B 88 32.95 19.15 0.81
CA THR B 88 31.80 19.96 1.15
C THR B 88 30.66 19.10 1.60
N LEU B 89 30.94 17.83 1.82
CA LEU B 89 29.91 16.91 2.22
C LEU B 89 30.20 16.46 3.63
N LEU B 90 29.11 16.10 4.31
CA LEU B 90 29.14 15.27 5.48
C LEU B 90 28.87 13.85 5.02
N LYS B 91 29.52 12.92 5.71
CA LYS B 91 29.27 11.51 5.60
C LYS B 91 28.87 11.01 6.99
N LEU B 92 27.58 10.74 7.19
CA LEU B 92 27.02 10.14 8.41
C LEU B 92 26.83 8.65 8.25
N THR B 93 27.14 7.89 9.30
CA THR B 93 26.98 6.46 9.30
C THR B 93 25.77 6.14 10.14
N VAL B 94 24.96 5.21 9.71
CA VAL B 94 23.73 4.92 10.38
C VAL B 94 23.69 3.43 10.64
N ASP B 95 22.91 3.04 11.64
CA ASP B 95 22.97 1.68 12.16
C ASP B 95 22.15 0.71 11.35
N VAL B 96 21.60 1.19 10.23
CA VAL B 96 20.85 0.33 9.33
C VAL B 96 21.22 0.61 7.86
N ALA B 97 21.47 -0.45 7.10
CA ALA B 97 21.80 -0.33 5.69
C ALA B 97 20.53 -0.18 4.88
N ASN B 98 20.43 0.88 4.08
CA ASN B 98 19.26 1.07 3.23
C ASN B 98 18.93 -0.21 2.43
N PRO B 99 17.80 -0.87 2.74
CA PRO B 99 17.51 -2.13 2.05
C PRO B 99 17.23 -1.94 0.55
N SER B 100 17.03 -0.70 0.12
CA SER B 100 16.72 -0.40 -1.28
C SER B 100 17.86 0.32 -2.01
N THR B 101 19.07 0.26 -1.46
CA THR B 101 20.25 0.82 -2.13
C THR B 101 20.38 0.22 -3.53
N PRO B 102 20.41 1.06 -4.58
CA PRO B 102 20.67 0.56 -5.93
C PRO B 102 22.13 0.24 -6.18
N ALA B 103 22.43 -0.62 -7.14
CA ALA B 103 23.76 -0.67 -7.68
C ALA B 103 24.16 0.76 -8.10
N TYR B 104 25.35 1.21 -7.73
CA TYR B 104 25.68 2.62 -8.00
C TYR B 104 27.16 2.87 -8.14
N THR B 105 27.45 3.99 -8.78
CA THR B 105 28.79 4.57 -8.79
C THR B 105 28.73 6.06 -8.46
N PHE B 106 29.90 6.61 -8.13
CA PHE B 106 30.13 8.05 -8.00
C PHE B 106 30.97 8.53 -9.17
N THR B 107 30.45 9.45 -9.96
CA THR B 107 31.19 9.98 -11.08
C THR B 107 31.08 11.50 -11.18
N THR B 108 32.19 12.14 -11.50
CA THR B 108 32.20 13.58 -11.74
C THR B 108 31.91 13.86 -13.22
N VAL B 109 30.82 14.55 -13.52
CA VAL B 109 30.49 14.86 -14.92
C VAL B 109 31.22 16.09 -15.41
N LYS B 110 31.49 16.12 -16.72
CA LYS B 110 32.15 17.24 -17.36
C LYS B 110 31.14 18.17 -18.02
N PRO B 111 31.57 19.39 -18.39
CA PRO B 111 30.67 20.31 -19.10
C PRO B 111 30.11 19.75 -20.41
N GLY B 112 28.84 20.04 -20.66
CA GLY B 112 28.13 19.52 -21.80
C GLY B 112 27.37 18.24 -21.50
N ALA B 113 27.75 17.54 -20.44
CA ALA B 113 27.08 16.32 -19.97
C ALA B 113 25.72 16.58 -19.31
N ALA B 114 24.76 15.70 -19.51
CA ALA B 114 23.45 15.84 -18.91
C ALA B 114 23.22 14.84 -17.79
N PHE B 115 22.35 15.20 -16.87
CA PHE B 115 21.98 14.31 -15.79
C PHE B 115 20.63 14.74 -15.29
N SER B 116 19.96 13.79 -14.65
CA SER B 116 18.65 14.02 -14.05
C SER B 116 18.80 14.49 -12.61
N VAL B 117 17.94 15.44 -12.21
CA VAL B 117 17.87 15.90 -10.82
C VAL B 117 16.57 15.50 -10.19
N LEU B 118 16.64 15.06 -8.95
CA LEU B 118 15.44 14.73 -8.19
C LEU B 118 15.29 15.80 -7.12
N ALA B 119 14.41 16.77 -7.39
CA ALA B 119 14.21 17.86 -6.44
C ALA B 119 13.41 17.32 -5.25
N CYS B 120 13.88 17.69 -4.04
CA CYS B 120 13.41 17.16 -2.74
C CYS B 120 13.32 18.25 -1.67
N TYR B 121 12.34 18.09 -0.77
CA TYR B 121 12.14 19.04 0.33
C TYR B 121 11.71 18.23 1.56
N ASN B 122 12.43 18.44 2.66
CA ASN B 122 12.19 17.67 3.88
C ASN B 122 12.19 16.19 3.60
N GLY B 123 13.14 15.75 2.79
CA GLY B 123 13.22 14.36 2.44
C GLY B 123 12.07 13.84 1.58
N ARG B 124 11.23 14.72 1.07
CA ARG B 124 10.13 14.30 0.20
CA ARG B 124 10.15 14.28 0.18
C ARG B 124 10.47 14.73 -1.24
N PRO B 125 10.58 13.77 -2.17
CA PRO B 125 10.77 14.12 -3.59
C PRO B 125 9.55 14.85 -4.15
N THR B 126 9.77 15.97 -4.81
CA THR B 126 8.69 16.78 -5.34
C THR B 126 8.67 16.84 -6.89
N GLY B 127 9.80 16.75 -7.55
CA GLY B 127 9.85 16.89 -9.00
C GLY B 127 11.17 16.41 -9.57
N THR B 128 11.17 16.13 -10.88
CA THR B 128 12.40 15.79 -11.59
C THR B 128 12.54 16.56 -12.90
N PHE B 129 13.78 16.83 -13.27
CA PHE B 129 14.10 17.60 -14.48
C PHE B 129 15.52 17.22 -14.91
N THR B 130 15.89 17.56 -16.14
CA THR B 130 17.24 17.32 -16.60
C THR B 130 17.98 18.63 -16.80
N VAL B 131 19.26 18.60 -16.46
CA VAL B 131 20.12 19.77 -16.64
C VAL B 131 21.40 19.38 -17.35
N VAL B 132 22.10 20.37 -17.90
CA VAL B 132 23.45 20.17 -18.39
C VAL B 132 24.42 20.93 -17.50
N MET B 133 25.59 20.34 -17.28
CA MET B 133 26.64 21.01 -16.56
C MET B 133 27.18 22.05 -17.51
N ARG B 134 26.95 23.32 -17.19
CA ARG B 134 27.38 24.39 -18.06
C ARG B 134 28.90 24.47 -18.10
N PRO B 135 29.42 25.05 -19.18
CA PRO B 135 30.85 25.27 -19.31
C PRO B 135 31.43 26.07 -18.16
N ASN B 136 30.62 26.89 -17.48
CA ASN B 136 31.09 27.61 -16.28
C ASN B 136 30.78 26.89 -14.96
N TYR B 137 30.57 25.59 -15.05
CA TYR B 137 30.37 24.77 -13.85
C TYR B 137 29.22 25.22 -12.95
N THR B 138 28.18 25.72 -13.59
CA THR B 138 26.89 25.93 -12.98
C THR B 138 25.86 25.03 -13.65
N ILE B 139 24.68 24.90 -13.05
CA ILE B 139 23.51 24.34 -13.73
C ILE B 139 22.33 25.30 -13.63
N LYS B 140 21.42 25.18 -14.58
CA LYS B 140 20.24 26.03 -14.63
C LYS B 140 19.05 25.23 -14.18
N GLY B 141 18.77 25.25 -12.89
CA GLY B 141 17.77 24.38 -12.32
C GLY B 141 16.54 25.16 -11.88
N SER B 142 15.74 24.48 -11.08
CA SER B 142 14.58 25.01 -10.39
C SER B 142 14.67 24.47 -8.98
N PHE B 143 15.16 25.34 -8.08
CA PHE B 143 15.40 25.02 -6.66
C PHE B 143 14.93 26.18 -5.75
N LEU B 144 14.23 25.84 -4.67
CA LEU B 144 13.93 26.78 -3.59
C LEU B 144 14.70 26.42 -2.32
N CYS B 145 14.70 27.34 -1.37
CA CYS B 145 15.33 27.08 -0.10
C CYS B 145 14.69 25.83 0.46
N GLY B 146 15.55 24.96 0.98
CA GLY B 146 15.12 23.67 1.46
C GLY B 146 15.42 22.54 0.49
N SER B 147 15.90 22.86 -0.70
CA SER B 147 16.21 21.83 -1.70
C SER B 147 17.61 21.23 -1.59
N CYS B 148 18.44 21.81 -0.73
CA CYS B 148 19.82 21.36 -0.58
C CYS B 148 19.89 19.89 -0.22
N GLY B 149 20.88 19.20 -0.77
CA GLY B 149 20.89 17.75 -0.65
C GLY B 149 20.12 17.02 -1.72
N SER B 150 19.35 17.73 -2.57
CA SER B 150 18.73 17.10 -3.76
C SER B 150 19.83 16.55 -4.67
N VAL B 151 19.60 15.40 -5.30
CA VAL B 151 20.67 14.72 -5.99
C VAL B 151 20.50 14.70 -7.47
N GLY B 152 21.64 14.65 -8.16
CA GLY B 152 21.68 14.51 -9.60
C GLY B 152 22.34 13.21 -9.99
N TYR B 153 21.89 12.60 -11.09
CA TYR B 153 22.34 11.27 -11.45
C TYR B 153 22.08 10.94 -12.94
N THR B 154 22.87 10.00 -13.42
CA THR B 154 22.64 9.28 -14.66
C THR B 154 22.45 7.81 -14.35
N LYS B 155 22.21 7.03 -15.39
CA LYS B 155 21.85 5.64 -15.23
C LYS B 155 22.26 4.84 -16.48
N GLU B 156 23.20 3.91 -16.27
CA GLU B 156 23.66 2.98 -17.29
C GLU B 156 23.24 1.58 -16.94
N GLY B 157 22.14 1.13 -17.52
CA GLY B 157 21.63 -0.19 -17.24
C GLY B 157 20.98 -0.11 -15.87
N SER B 158 21.36 -1.03 -14.99
CA SER B 158 20.83 -1.05 -13.63
C SER B 158 21.64 -0.16 -12.68
N VAL B 159 22.79 0.32 -13.14
CA VAL B 159 23.67 1.08 -12.28
C VAL B 159 23.37 2.59 -12.31
N ILE B 160 23.14 3.14 -11.13
CA ILE B 160 22.93 4.58 -10.96
C ILE B 160 24.25 5.31 -10.71
N ASN B 161 24.61 6.26 -11.58
CA ASN B 161 25.77 7.10 -11.36
C ASN B 161 25.36 8.41 -10.71
N PHE B 162 25.63 8.49 -9.41
CA PHE B 162 25.39 9.71 -8.66
C PHE B 162 26.51 10.72 -8.96
N CYS B 163 26.14 11.94 -9.34
CA CYS B 163 27.13 12.92 -9.83
C CYS B 163 26.91 14.33 -9.28
N TYR B 164 25.83 14.56 -8.55
CA TYR B 164 25.52 15.90 -8.08
C TYR B 164 24.74 15.87 -6.79
N MET B 165 25.13 16.71 -5.83
CA MET B 165 24.30 17.00 -4.66
C MET B 165 24.16 18.47 -4.48
N HIS B 166 22.91 18.94 -4.54
CA HIS B 166 22.66 20.36 -4.61
C HIS B 166 23.14 21.12 -3.35
N GLN B 167 23.87 22.23 -3.57
CA GLN B 167 24.47 23.02 -2.50
C GLN B 167 23.98 24.46 -2.42
N MET B 168 23.85 25.18 -3.54
CA MET B 168 23.60 26.63 -3.46
CA MET B 168 23.44 26.58 -3.43
C MET B 168 23.01 27.27 -4.72
N GLU B 169 22.34 28.41 -4.54
CA GLU B 169 22.00 29.31 -5.61
C GLU B 169 22.98 30.46 -5.68
N LEU B 170 23.43 30.78 -6.90
CA LEU B 170 24.51 31.75 -7.11
C LEU B 170 23.96 33.04 -7.66
N ALA B 171 22.76 32.94 -8.20
CA ALA B 171 22.10 34.03 -8.91
C ALA B 171 20.78 33.44 -9.41
N ASN B 172 19.89 34.28 -9.94
CA ASN B 172 18.59 33.80 -10.40
C ASN B 172 18.76 32.65 -11.38
N GLY B 173 18.15 31.51 -11.08
CA GLY B 173 18.14 30.40 -12.02
C GLY B 173 19.51 29.76 -12.25
N THR B 174 20.45 30.00 -11.33
CA THR B 174 21.85 29.55 -11.47
C THR B 174 22.30 28.87 -10.17
N HIS B 175 22.63 27.59 -10.29
CA HIS B 175 22.87 26.74 -9.14
C HIS B 175 24.16 25.98 -9.24
N THR B 176 24.65 25.46 -8.12
CA THR B 176 25.75 24.51 -8.17
C THR B 176 25.74 23.65 -6.95
N GLY B 177 26.57 22.63 -6.97
CA GLY B 177 26.62 21.60 -5.97
C GLY B 177 27.95 20.87 -6.03
N SER B 178 28.04 19.72 -5.40
CA SER B 178 29.28 18.98 -5.43
C SER B 178 29.10 17.59 -5.98
N ALA B 179 30.21 17.05 -6.44
CA ALA B 179 30.27 15.63 -6.71
C ALA B 179 30.43 14.92 -5.37
N PHE B 180 30.22 13.61 -5.38
CA PHE B 180 30.19 12.85 -4.14
C PHE B 180 31.59 12.52 -3.63
N ASP B 181 32.62 13.00 -4.32
CA ASP B 181 33.97 12.98 -3.77
C ASP B 181 34.09 14.17 -2.81
N GLY B 182 33.06 15.01 -2.78
CA GLY B 182 33.00 16.14 -1.88
C GLY B 182 33.46 17.42 -2.52
N THR B 183 33.94 17.35 -3.76
CA THR B 183 34.40 18.52 -4.49
CA THR B 183 34.39 18.55 -4.45
C THR B 183 33.22 19.30 -5.08
N MET B 184 33.21 20.62 -4.90
CA MET B 184 32.20 21.49 -5.48
C MET B 184 32.48 21.73 -6.96
N TYR B 185 31.47 21.61 -7.80
CA TYR B 185 31.63 21.97 -9.20
C TYR B 185 31.94 23.47 -9.31
N GLY B 186 32.91 23.82 -10.14
CA GLY B 186 33.28 25.22 -10.33
C GLY B 186 34.12 25.77 -9.18
N ALA B 187 34.45 24.91 -8.22
CA ALA B 187 35.12 25.26 -6.97
C ALA B 187 34.43 26.39 -6.19
N PHE B 188 33.12 26.56 -6.38
CA PHE B 188 32.43 27.59 -5.62
C PHE B 188 32.53 27.21 -4.14
N MET B 189 32.59 28.20 -3.27
CA MET B 189 32.69 27.98 -1.82
C MET B 189 31.31 27.85 -1.16
N ASP B 190 31.17 26.93 -0.21
CA ASP B 190 29.88 26.80 0.51
C ASP B 190 29.82 27.81 1.69
N LYS B 191 29.94 29.08 1.32
CA LYS B 191 29.73 30.24 2.19
C LYS B 191 28.65 31.09 1.56
N GLN B 192 27.93 31.84 2.38
CA GLN B 192 26.94 32.76 1.84
C GLN B 192 27.60 34.08 1.52
N VAL B 193 28.30 34.11 0.39
CA VAL B 193 28.90 35.32 -0.15
C VAL B 193 28.66 35.33 -1.65
N HIS B 194 28.68 36.50 -2.28
CA HIS B 194 28.47 36.55 -3.70
C HIS B 194 29.72 36.09 -4.38
N GLN B 195 29.58 35.28 -5.44
CA GLN B 195 30.74 34.72 -6.13
C GLN B 195 30.54 34.87 -7.60
N VAL B 196 31.50 35.51 -8.24
CA VAL B 196 31.47 35.64 -9.68
C VAL B 196 31.55 34.25 -10.32
N GLN B 197 30.81 34.05 -11.38
CA GLN B 197 30.71 32.93 -12.34
CA GLN B 197 30.86 32.89 -12.26
C GLN B 197 31.46 33.30 -13.61
N LEU B 198 32.16 32.35 -14.22
CA LEU B 198 32.76 32.55 -15.55
C LEU B 198 31.67 32.66 -16.62
N THR B 199 32.01 33.09 -17.85
CA THR B 199 30.97 33.24 -18.87
C THR B 199 30.50 31.85 -19.32
N ASP B 200 29.22 31.76 -19.59
CA ASP B 200 28.62 30.56 -20.16
C ASP B 200 29.03 30.48 -21.64
N LYS B 201 28.84 29.34 -22.27
CA LYS B 201 29.18 29.15 -23.68
C LYS B 201 28.22 28.15 -24.26
N TYR B 202 28.07 28.18 -25.58
CA TYR B 202 27.33 27.13 -26.29
C TYR B 202 28.15 25.87 -26.29
N CYS B 203 27.53 24.77 -25.86
CA CYS B 203 28.11 23.43 -25.91
C CYS B 203 28.08 22.87 -27.33
N SER B 204 29.16 23.11 -28.08
CA SER B 204 29.22 22.79 -29.49
C SER B 204 28.78 21.36 -29.81
N VAL B 205 29.23 20.39 -29.03
CA VAL B 205 28.95 19.00 -29.43
C VAL B 205 27.45 18.71 -29.28
N ASN B 206 26.80 19.41 -28.37
CA ASN B 206 25.36 19.22 -28.16
C ASN B 206 24.55 19.93 -29.23
N VAL B 207 25.02 21.07 -29.71
CA VAL B 207 24.33 21.72 -30.83
C VAL B 207 24.37 20.86 -32.10
N VAL B 208 25.51 20.23 -32.38
CA VAL B 208 25.61 19.25 -33.45
C VAL B 208 24.58 18.09 -33.23
N ALA B 209 24.56 17.53 -32.04
CA ALA B 209 23.60 16.45 -31.69
C ALA B 209 22.19 16.87 -32.05
N TRP B 210 21.89 18.12 -31.71
CA TRP B 210 20.54 18.65 -31.86
C TRP B 210 20.19 18.86 -33.32
N LEU B 211 21.18 19.25 -34.11
CA LEU B 211 20.98 19.41 -35.54
C LEU B 211 20.81 18.04 -36.21
N TYR B 212 21.55 17.04 -35.73
CA TYR B 212 21.36 15.68 -36.26
C TYR B 212 19.91 15.23 -35.98
N ALA B 213 19.39 15.60 -34.81
CA ALA B 213 18.02 15.27 -34.43
C ALA B 213 17.07 15.88 -35.39
N ALA B 214 17.29 17.16 -35.65
CA ALA B 214 16.48 17.87 -36.59
C ALA B 214 16.42 17.10 -37.92
N ILE B 215 17.60 16.68 -38.41
CA ILE B 215 17.67 16.01 -39.71
C ILE B 215 16.83 14.73 -39.67
N LEU B 216 16.90 14.02 -38.55
CA LEU B 216 16.23 12.73 -38.41
C LEU B 216 14.74 12.87 -38.18
N ASN B 217 14.28 14.10 -37.96
CA ASN B 217 12.87 14.42 -37.81
C ASN B 217 12.36 15.18 -39.03
N GLY B 218 13.13 15.12 -40.12
CA GLY B 218 12.69 15.69 -41.35
C GLY B 218 12.91 17.19 -41.56
N CYS B 219 13.70 17.81 -40.69
CA CYS B 219 14.04 19.22 -40.78
C CYS B 219 15.53 19.39 -41.08
N ALA B 220 15.87 19.63 -42.35
CA ALA B 220 17.25 19.57 -42.80
C ALA B 220 17.62 20.72 -43.74
N TRP B 221 16.95 21.85 -43.60
CA TRP B 221 17.14 22.96 -44.52
C TRP B 221 18.49 23.64 -44.38
N PHE B 222 19.04 23.61 -43.16
CA PHE B 222 20.34 24.21 -42.85
C PHE B 222 21.55 23.39 -43.39
N VAL B 223 21.31 22.21 -43.94
CA VAL B 223 22.41 21.37 -44.41
C VAL B 223 22.84 21.79 -45.81
N LYS B 224 24.11 22.13 -45.97
CA LYS B 224 24.69 22.44 -47.27
C LYS B 224 25.85 21.49 -47.50
N PRO B 225 26.34 21.39 -48.74
CA PRO B 225 27.54 20.58 -49.02
C PRO B 225 28.76 21.06 -48.27
N ASN B 226 28.79 22.37 -48.00
CA ASN B 226 29.95 23.04 -47.42
CA ASN B 226 29.97 23.02 -47.44
C ASN B 226 30.29 22.51 -46.04
N ARG B 227 31.59 22.55 -45.74
CA ARG B 227 32.18 21.95 -44.56
C ARG B 227 33.19 22.87 -43.89
N THR B 228 33.25 22.79 -42.58
CA THR B 228 34.29 23.39 -41.79
C THR B 228 34.97 22.33 -40.98
N SER B 229 36.30 22.28 -41.05
CA SER B 229 37.04 21.31 -40.29
C SER B 229 36.85 21.51 -38.78
N VAL B 230 37.09 20.44 -38.02
CA VAL B 230 37.04 20.52 -36.57
C VAL B 230 38.03 21.55 -36.12
N VAL B 231 39.22 21.56 -36.73
CA VAL B 231 40.28 22.45 -36.30
C VAL B 231 39.92 23.92 -36.53
N SER B 232 39.46 24.27 -37.74
CA SER B 232 39.05 25.63 -38.02
C SER B 232 37.83 26.05 -37.20
N PHE B 233 36.89 25.13 -36.98
CA PHE B 233 35.74 25.45 -36.12
C PHE B 233 36.19 25.81 -34.69
N ASN B 234 37.19 25.11 -34.19
CA ASN B 234 37.58 25.27 -32.81
C ASN B 234 38.33 26.58 -32.58
N GLU B 235 38.96 27.12 -33.61
CA GLU B 235 39.56 28.44 -33.56
C GLU B 235 38.47 29.52 -33.59
N TRP B 236 37.48 29.33 -34.46
CA TRP B 236 36.34 30.22 -34.59
C TRP B 236 35.53 30.23 -33.30
N ALA B 237 35.44 29.07 -32.66
CA ALA B 237 34.61 28.89 -31.46
C ALA B 237 35.14 29.68 -30.31
N LEU B 238 36.46 29.63 -30.14
CA LEU B 238 37.18 30.45 -29.15
C LEU B 238 36.83 31.95 -29.23
N ALA B 239 36.62 32.46 -30.44
CA ALA B 239 36.28 33.86 -30.65
C ALA B 239 34.79 34.14 -30.59
N ASN B 240 33.95 33.09 -30.51
CA ASN B 240 32.50 33.28 -30.66
C ASN B 240 31.61 32.56 -29.61
N GLN B 241 32.17 32.33 -28.42
CA GLN B 241 31.44 31.82 -27.26
C GLN B 241 30.93 30.38 -27.45
N PHE B 242 31.68 29.57 -28.18
CA PHE B 242 31.41 28.15 -28.32
C PHE B 242 32.50 27.34 -27.63
N THR B 243 32.14 26.18 -27.10
CA THR B 243 33.14 25.29 -26.55
C THR B 243 33.92 24.67 -27.70
N GLU B 244 35.05 24.08 -27.35
CA GLU B 244 35.79 23.24 -28.27
C GLU B 244 34.97 21.99 -28.62
N PHE B 245 34.89 21.68 -29.91
CA PHE B 245 34.21 20.47 -30.34
C PHE B 245 35.13 19.26 -30.25
N VAL B 246 34.69 18.26 -29.50
CA VAL B 246 35.34 16.97 -29.40
C VAL B 246 34.35 15.89 -29.84
N GLY B 247 34.66 15.20 -30.92
CA GLY B 247 33.79 14.13 -31.38
C GLY B 247 33.78 12.93 -30.47
N THR B 248 32.66 12.22 -30.44
CA THR B 248 32.57 10.97 -29.68
C THR B 248 31.96 9.91 -30.61
N GLN B 249 32.02 8.65 -30.17
CA GLN B 249 31.41 7.56 -30.92
CA GLN B 249 31.39 7.54 -30.88
C GLN B 249 29.89 7.74 -31.01
N SER B 250 29.31 8.36 -29.98
CA SER B 250 27.90 8.68 -30.03
C SER B 250 27.55 9.65 -31.20
N VAL B 251 28.39 10.67 -31.39
CA VAL B 251 28.18 11.62 -32.49
C VAL B 251 28.36 10.92 -33.83
N ASP B 252 29.40 10.10 -33.93
CA ASP B 252 29.70 9.39 -35.17
C ASP B 252 28.52 8.52 -35.62
N MET B 253 27.74 8.01 -34.68
CA MET B 253 26.62 7.14 -35.08
C MET B 253 25.55 7.96 -35.73
N LEU B 254 25.43 9.23 -35.32
CA LEU B 254 24.39 10.06 -35.88
C LEU B 254 24.78 10.44 -37.32
N ALA B 255 26.08 10.73 -37.50
CA ALA B 255 26.66 11.00 -38.81
C ALA B 255 26.43 9.82 -39.73
N VAL B 256 26.66 8.60 -39.22
CA VAL B 256 26.45 7.39 -40.04
C VAL B 256 24.99 7.23 -40.45
N LYS B 257 24.08 7.29 -39.49
CA LYS B 257 22.67 7.10 -39.80
C LYS B 257 22.11 8.18 -40.75
N THR B 258 22.59 9.43 -40.65
CA THR B 258 22.06 10.50 -41.50
C THR B 258 22.84 10.63 -42.79
N GLY B 259 24.07 10.15 -42.83
CA GLY B 259 24.94 10.39 -43.97
C GLY B 259 25.38 11.85 -44.11
N VAL B 260 25.15 12.65 -43.08
CA VAL B 260 25.63 14.04 -43.02
C VAL B 260 26.84 14.11 -42.07
N ALA B 261 27.94 14.65 -42.58
CA ALA B 261 29.18 14.69 -41.86
C ALA B 261 29.20 15.80 -40.81
N ILE B 262 29.96 15.54 -39.76
CA ILE B 262 30.12 16.45 -38.64
C ILE B 262 30.52 17.81 -39.21
N GLU B 263 31.46 17.81 -40.17
CA GLU B 263 31.98 19.07 -40.68
C GLU B 263 30.93 19.90 -41.44
N GLN B 264 29.89 19.26 -41.96
CA GLN B 264 28.80 20.00 -42.59
C GLN B 264 28.02 20.77 -41.52
N LEU B 265 27.90 20.17 -40.32
CA LEU B 265 27.12 20.79 -39.26
C LEU B 265 27.90 21.90 -38.56
N LEU B 266 29.22 21.73 -38.44
CA LEU B 266 30.07 22.77 -37.91
C LEU B 266 30.01 24.03 -38.79
N TYR B 267 29.99 23.81 -40.11
CA TYR B 267 29.74 24.89 -41.06
C TYR B 267 28.37 25.50 -40.79
N ALA B 268 27.33 24.66 -40.67
CA ALA B 268 25.97 25.16 -40.45
C ALA B 268 25.88 26.03 -39.21
N ILE B 269 26.59 25.63 -38.18
CA ILE B 269 26.57 26.37 -36.93
C ILE B 269 27.13 27.79 -37.13
N GLN B 270 28.19 27.90 -37.90
CA GLN B 270 28.78 29.20 -38.12
C GLN B 270 27.77 30.09 -38.88
N GLN B 271 26.90 29.49 -39.69
CA GLN B 271 25.90 30.29 -40.41
C GLN B 271 24.70 30.60 -39.53
N LEU B 272 24.38 29.72 -38.59
CA LEU B 272 23.14 29.85 -37.84
C LEU B 272 23.36 30.76 -36.66
N TYR B 273 24.60 30.85 -36.20
CA TYR B 273 24.98 31.75 -35.12
C TYR B 273 24.58 33.18 -35.47
N THR B 274 24.89 33.58 -36.71
CA THR B 274 24.42 34.85 -37.29
C THR B 274 22.89 35.07 -37.19
N GLY B 275 22.12 33.97 -37.15
CA GLY B 275 20.66 34.02 -37.04
C GLY B 275 20.00 33.06 -38.03
N PHE B 276 18.72 32.77 -37.86
CA PHE B 276 18.03 31.73 -38.63
C PHE B 276 17.29 32.26 -39.87
N GLN B 277 17.44 33.56 -40.15
CA GLN B 277 16.80 34.20 -41.30
C GLN B 277 15.27 34.00 -41.31
N GLY B 278 14.66 34.04 -40.14
CA GLY B 278 13.22 33.85 -40.03
C GLY B 278 12.73 32.40 -40.10
N LYS B 279 13.64 31.44 -40.17
CA LYS B 279 13.25 30.02 -40.16
C LYS B 279 13.33 29.42 -38.74
N GLN B 280 12.84 28.19 -38.56
CA GLN B 280 13.04 27.51 -37.29
C GLN B 280 13.56 26.06 -37.46
N ILE B 281 13.98 25.48 -36.34
CA ILE B 281 14.52 24.14 -36.33
C ILE B 281 13.91 23.46 -35.13
N LEU B 282 13.17 22.38 -35.38
CA LEU B 282 12.46 21.66 -34.34
C LEU B 282 11.73 22.62 -33.42
N GLY B 283 11.06 23.59 -34.01
CA GLY B 283 10.27 24.55 -33.26
C GLY B 283 11.01 25.68 -32.58
N SER B 284 12.33 25.75 -32.76
CA SER B 284 13.14 26.78 -32.13
C SER B 284 13.71 27.80 -33.14
N THR B 285 13.87 29.04 -32.69
CA THR B 285 14.49 30.09 -33.50
C THR B 285 15.89 30.39 -32.96
N MET B 286 16.39 29.49 -32.12
CA MET B 286 17.72 29.64 -31.54
C MET B 286 18.39 28.27 -31.37
N LEU B 287 19.71 28.29 -31.27
CA LEU B 287 20.49 27.07 -31.09
C LEU B 287 20.19 26.42 -29.75
N GLU B 288 19.93 25.12 -29.74
CA GLU B 288 19.74 24.38 -28.48
C GLU B 288 21.01 23.59 -28.16
N ASP B 289 21.48 23.65 -26.93
CA ASP B 289 22.71 22.95 -26.54
C ASP B 289 22.55 22.08 -25.27
N GLU B 290 21.32 21.78 -24.89
CA GLU B 290 21.10 20.90 -23.75
C GLU B 290 20.58 19.50 -24.17
N PHE B 291 20.66 19.17 -25.47
CA PHE B 291 20.45 17.77 -25.94
C PHE B 291 21.79 17.15 -26.34
N THR B 292 22.20 16.15 -25.59
CA THR B 292 23.47 15.51 -25.86
C THR B 292 23.34 14.47 -26.97
N PRO B 293 24.48 14.04 -27.49
CA PRO B 293 24.45 13.02 -28.52
C PRO B 293 23.82 11.71 -28.02
N GLU B 294 24.12 11.36 -26.78
CA GLU B 294 23.55 10.12 -26.23
C GLU B 294 22.03 10.24 -26.11
N ASP B 295 21.57 11.37 -25.60
CA ASP B 295 20.13 11.65 -25.48
C ASP B 295 19.46 11.57 -26.86
N VAL B 296 20.08 12.11 -27.90
CA VAL B 296 19.48 12.08 -29.23
C VAL B 296 19.48 10.64 -29.79
N ASN B 297 20.57 9.92 -29.60
CA ASN B 297 20.58 8.53 -30.06
C ASN B 297 19.45 7.78 -29.37
N MET B 298 19.27 7.98 -28.05
CA MET B 298 18.20 7.29 -27.32
C MET B 298 16.80 7.63 -27.84
N GLN B 299 16.54 8.89 -28.15
CA GLN B 299 15.18 9.32 -28.39
C GLN B 299 14.74 9.12 -29.82
N ILE B 300 15.68 9.14 -30.75
CA ILE B 300 15.34 9.06 -32.17
C ILE B 300 15.44 7.64 -32.69
N MET B 301 16.33 6.86 -32.07
CA MET B 301 16.70 5.58 -32.67
C MET B 301 16.61 4.40 -31.71
N GLY B 302 16.37 4.69 -30.43
CA GLY B 302 16.39 3.63 -29.43
C GLY B 302 17.77 2.97 -29.41
N SER C 1 -18.26 -31.03 22.85
CA SER C 1 -18.21 -30.08 24.00
C SER C 1 -17.04 -29.12 23.88
N GLY C 2 -16.87 -28.26 24.89
CA GLY C 2 -15.79 -27.29 24.92
C GLY C 2 -16.32 -25.91 24.61
N LEU C 3 -15.74 -24.89 25.22
CA LEU C 3 -16.16 -23.52 25.01
C LEU C 3 -14.90 -22.70 24.71
N VAL C 4 -14.89 -22.04 23.56
CA VAL C 4 -13.77 -21.19 23.16
C VAL C 4 -14.29 -19.88 22.54
N LYS C 5 -13.40 -18.91 22.35
CA LYS C 5 -13.81 -17.67 21.69
C LYS C 5 -14.05 -17.98 20.23
N MET C 6 -15.25 -17.77 19.75
CA MET C 6 -15.60 -18.17 18.40
C MET C 6 -16.00 -16.96 17.61
N SER C 7 -15.48 -16.88 16.38
CA SER C 7 -15.90 -15.85 15.45
C SER C 7 -16.66 -16.44 14.27
N HIS C 8 -17.52 -15.62 13.68
CA HIS C 8 -18.21 -15.95 12.45
C HIS C 8 -17.24 -16.18 11.27
N PRO C 9 -17.59 -17.11 10.36
CA PRO C 9 -16.77 -17.17 9.14
C PRO C 9 -16.81 -15.75 8.49
N SER C 10 -15.72 -15.29 7.89
CA SER C 10 -15.58 -13.90 7.45
C SER C 10 -15.65 -13.71 5.93
N GLY C 11 -15.84 -14.79 5.20
CA GLY C 11 -15.81 -14.77 3.74
C GLY C 11 -16.73 -13.71 3.16
N ASP C 12 -17.95 -13.65 3.65
CA ASP C 12 -18.89 -12.67 3.14
C ASP C 12 -18.43 -11.24 3.37
N VAL C 13 -17.77 -10.98 4.47
CA VAL C 13 -17.38 -9.61 4.75
C VAL C 13 -16.08 -9.29 4.05
N GLU C 14 -15.23 -10.28 3.85
CA GLU C 14 -13.97 -10.04 3.11
C GLU C 14 -14.26 -9.42 1.75
N ALA C 15 -15.30 -9.95 1.09
CA ALA C 15 -15.73 -9.57 -0.26
C ALA C 15 -16.27 -8.10 -0.37
N CYS C 16 -16.33 -7.39 0.75
CA CYS C 16 -16.85 -6.03 0.78
C CYS C 16 -15.82 -5.01 1.20
N MET C 17 -14.64 -5.46 1.61
CA MET C 17 -13.57 -4.57 2.03
C MET C 17 -12.87 -3.88 0.83
N VAL C 18 -12.68 -2.56 0.97
CA VAL C 18 -11.90 -1.76 0.03
C VAL C 18 -10.97 -0.82 0.78
N GLN C 19 -10.03 -0.24 0.04
CA GLN C 19 -9.21 0.85 0.53
C GLN C 19 -9.75 2.20 0.03
N VAL C 20 -9.75 3.16 0.92
CA VAL C 20 -10.18 4.52 0.62
C VAL C 20 -9.08 5.51 0.93
N THR C 21 -8.82 6.40 -0.02
CA THR C 21 -7.83 7.44 0.13
C THR C 21 -8.42 8.79 -0.12
N CYS C 22 -8.00 9.76 0.68
CA CYS C 22 -8.36 11.18 0.47
C CYS C 22 -7.10 12.01 0.73
N GLY C 23 -6.64 12.71 -0.29
CA GLY C 23 -5.43 13.50 -0.17
C GLY C 23 -4.22 12.60 0.05
N SER C 24 -3.63 12.73 1.23
CA SER C 24 -2.50 11.87 1.65
C SER C 24 -2.84 10.99 2.87
N MET C 25 -4.13 10.82 3.15
CA MET C 25 -4.63 9.94 4.20
CA MET C 25 -4.61 9.93 4.20
C MET C 25 -5.37 8.73 3.60
N THR C 26 -5.16 7.54 4.15
CA THR C 26 -5.85 6.34 3.69
C THR C 26 -6.31 5.44 4.89
N LEU C 27 -7.33 4.62 4.63
CA LEU C 27 -7.84 3.63 5.61
C LEU C 27 -8.79 2.68 4.87
N ASN C 28 -9.56 1.88 5.63
CA ASN C 28 -10.42 0.87 5.06
C ASN C 28 -11.84 1.33 4.92
N GLY C 29 -12.53 0.78 3.93
CA GLY C 29 -13.95 1.07 3.72
C GLY C 29 -14.74 -0.19 3.48
N LEU C 30 -16.05 -0.07 3.57
CA LEU C 30 -16.95 -1.17 3.37
C LEU C 30 -17.90 -0.82 2.22
N TRP C 31 -17.87 -1.67 1.19
CA TRP C 31 -18.63 -1.48 -0.03
C TRP C 31 -19.85 -2.37 -0.03
N LEU C 32 -20.99 -1.73 0.16
CA LEU C 32 -22.27 -2.38 0.08
C LEU C 32 -23.14 -1.74 -1.03
N ASP C 33 -23.59 -2.56 -1.94
CA ASP C 33 -24.32 -2.09 -3.11
C ASP C 33 -23.58 -0.85 -3.66
N ASN C 34 -24.21 0.33 -3.72
CA ASN C 34 -23.61 1.51 -4.35
C ASN C 34 -22.98 2.46 -3.36
N THR C 35 -22.73 1.99 -2.14
CA THR C 35 -22.21 2.81 -1.07
C THR C 35 -20.87 2.26 -0.56
N VAL C 36 -19.95 3.17 -0.30
CA VAL C 36 -18.74 2.85 0.44
C VAL C 36 -18.74 3.66 1.74
N TRP C 37 -18.76 2.95 2.87
CA TRP C 37 -18.69 3.54 4.21
C TRP C 37 -17.26 3.57 4.70
N CYS C 38 -16.83 4.70 5.28
CA CYS C 38 -15.52 4.78 5.96
C CYS C 38 -15.53 5.91 6.99
N PRO C 39 -14.62 5.85 7.96
CA PRO C 39 -14.51 6.95 8.96
C PRO C 39 -14.21 8.28 8.30
N ARG C 40 -14.89 9.31 8.75
CA ARG C 40 -14.75 10.60 8.13
C ARG C 40 -13.39 11.24 8.38
N HIS C 41 -12.60 10.77 9.35
CA HIS C 41 -11.29 11.37 9.60
C HIS C 41 -10.27 11.11 8.47
N VAL C 42 -10.60 10.28 7.49
CA VAL C 42 -9.79 10.19 6.25
C VAL C 42 -9.67 11.56 5.52
N MET C 43 -10.67 12.43 5.68
CA MET C 43 -10.59 13.80 5.16
C MET C 43 -9.55 14.70 5.87
N CYS C 44 -9.12 14.32 7.07
CA CYS C 44 -8.40 15.24 7.95
C CYS C 44 -6.90 15.13 7.77
N PRO C 45 -6.22 16.21 7.35
CA PRO C 45 -4.77 16.10 7.24
C PRO C 45 -4.11 15.83 8.59
N ALA C 46 -2.93 15.25 8.56
CA ALA C 46 -2.26 14.85 9.78
C ALA C 46 -2.11 16.01 10.77
N ASP C 47 -1.73 17.18 10.27
CA ASP C 47 -1.52 18.36 11.15
C ASP C 47 -2.81 18.96 11.74
N GLN C 48 -3.97 18.42 11.37
CA GLN C 48 -5.23 18.90 11.93
CA GLN C 48 -5.22 18.90 11.93
C GLN C 48 -5.96 17.89 12.80
N LEU C 49 -5.35 16.74 13.04
CA LEU C 49 -6.04 15.63 13.70
C LEU C 49 -6.50 15.87 15.15
N SER C 50 -5.86 16.80 15.84
CA SER C 50 -6.21 17.11 17.22
CA SER C 50 -6.20 17.12 17.22
C SER C 50 -7.43 18.01 17.31
N ASP C 51 -7.70 18.74 16.24
CA ASP C 51 -8.76 19.76 16.24
C ASP C 51 -9.45 19.91 14.86
N PRO C 52 -10.06 18.82 14.38
CA PRO C 52 -10.59 18.87 13.01
C PRO C 52 -11.88 19.68 12.86
N ASN C 53 -11.99 20.42 11.77
CA ASN C 53 -13.24 21.10 11.45
C ASN C 53 -13.92 20.29 10.34
N TYR C 54 -14.72 19.30 10.74
CA TYR C 54 -15.21 18.32 9.76
C TYR C 54 -16.22 18.95 8.81
N ASP C 55 -16.98 19.96 9.25
CA ASP C 55 -17.89 20.63 8.34
C ASP C 55 -17.13 21.41 7.27
N ALA C 56 -16.03 22.06 7.65
CA ALA C 56 -15.26 22.81 6.67
C ALA C 56 -14.56 21.85 5.72
N LEU C 57 -14.07 20.74 6.27
CA LEU C 57 -13.38 19.76 5.46
C LEU C 57 -14.31 19.21 4.41
N LEU C 58 -15.52 18.81 4.81
CA LEU C 58 -16.46 18.23 3.88
C LEU C 58 -16.73 19.20 2.70
N ILE C 59 -17.00 20.46 3.03
CA ILE C 59 -17.23 21.47 1.99
C ILE C 59 -16.05 21.60 1.02
N SER C 60 -14.82 21.49 1.52
CA SER C 60 -13.64 21.56 0.65
C SER C 60 -13.48 20.32 -0.24
N MET C 61 -14.27 19.28 -0.02
CA MET C 61 -14.15 18.05 -0.81
C MET C 61 -15.05 18.07 -2.05
N THR C 62 -14.53 17.54 -3.16
CA THR C 62 -15.34 17.10 -4.29
C THR C 62 -15.35 15.57 -4.40
N ASN C 63 -16.23 15.02 -5.25
CA ASN C 63 -16.22 13.57 -5.52
C ASN C 63 -14.82 13.10 -5.91
N HIS C 64 -14.12 13.96 -6.63
CA HIS C 64 -12.80 13.66 -7.16
C HIS C 64 -11.75 13.58 -6.04
N SER C 65 -12.10 14.09 -4.85
CA SER C 65 -11.19 14.05 -3.70
C SER C 65 -10.99 12.61 -3.14
N PHE C 66 -11.88 11.71 -3.48
CA PHE C 66 -11.91 10.37 -2.92
C PHE C 66 -11.55 9.30 -3.94
N SER C 67 -10.66 8.39 -3.55
CA SER C 67 -10.17 7.30 -4.37
C SER C 67 -10.40 5.96 -3.66
N VAL C 68 -11.08 5.03 -4.35
CA VAL C 68 -11.39 3.72 -3.76
C VAL C 68 -10.90 2.55 -4.61
N GLN C 69 -10.16 1.63 -3.98
CA GLN C 69 -9.72 0.40 -4.65
C GLN C 69 -10.18 -0.86 -3.94
N LYS C 70 -10.63 -1.81 -4.75
CA LYS C 70 -10.83 -3.17 -4.28
C LYS C 70 -9.62 -4.00 -4.66
N HIS C 71 -8.93 -4.57 -3.66
CA HIS C 71 -7.65 -5.22 -3.90
C HIS C 71 -7.78 -6.74 -4.08
N ILE C 72 -8.72 -7.34 -3.38
CA ILE C 72 -8.86 -8.80 -3.39
C ILE C 72 -10.06 -9.14 -4.27
N GLY C 73 -10.20 -10.42 -4.59
CA GLY C 73 -11.36 -10.91 -5.33
C GLY C 73 -11.49 -10.36 -6.71
N ALA C 74 -12.72 -10.32 -7.19
CA ALA C 74 -13.00 -9.99 -8.56
C ALA C 74 -12.65 -8.54 -8.84
N PRO C 75 -12.34 -8.22 -10.10
CA PRO C 75 -11.92 -6.88 -10.48
C PRO C 75 -13.07 -5.90 -10.38
N ALA C 76 -12.77 -4.69 -9.93
CA ALA C 76 -13.75 -3.62 -9.79
C ALA C 76 -13.05 -2.30 -10.07
N ASN C 77 -13.77 -1.39 -10.74
CA ASN C 77 -13.24 -0.10 -11.17
C ASN C 77 -14.25 0.89 -10.68
N LEU C 78 -14.00 1.43 -9.48
CA LEU C 78 -14.96 2.26 -8.80
C LEU C 78 -14.69 3.75 -8.96
N ARG C 79 -15.68 4.49 -9.43
CA ARG C 79 -15.66 5.95 -9.36
C ARG C 79 -16.64 6.45 -8.34
N VAL C 80 -16.21 7.44 -7.57
CA VAL C 80 -17.07 8.14 -6.62
C VAL C 80 -17.90 9.24 -7.30
N VAL C 81 -19.21 9.14 -7.14
CA VAL C 81 -20.17 10.01 -7.80
C VAL C 81 -21.11 10.68 -6.76
N GLY C 82 -20.82 10.50 -5.47
CA GLY C 82 -21.52 11.25 -4.42
C GLY C 82 -20.76 11.17 -3.11
N HIS C 83 -20.95 12.14 -2.22
CA HIS C 83 -20.31 12.12 -0.89
C HIS C 83 -21.21 12.87 0.05
N ALA C 84 -21.29 12.33 1.25
CA ALA C 84 -22.10 12.89 2.33
C ALA C 84 -21.47 12.45 3.63
N MET C 85 -21.77 13.18 4.70
CA MET C 85 -21.28 12.88 6.03
C MET C 85 -22.48 12.50 6.87
N GLN C 86 -22.33 11.41 7.60
CA GLN C 86 -23.36 10.92 8.48
C GLN C 86 -22.73 10.62 9.83
N GLY C 87 -22.80 11.58 10.75
CA GLY C 87 -22.21 11.40 12.04
C GLY C 87 -20.71 11.37 11.89
N THR C 88 -20.09 10.29 12.35
CA THR C 88 -18.63 10.17 12.29
C THR C 88 -18.15 9.33 11.11
N LEU C 89 -19.03 9.14 10.13
CA LEU C 89 -18.75 8.35 8.95
C LEU C 89 -18.97 9.19 7.72
N LEU C 90 -18.25 8.80 6.67
CA LEU C 90 -18.56 9.24 5.33
C LEU C 90 -19.35 8.17 4.62
N LYS C 91 -20.36 8.60 3.87
CA LYS C 91 -21.10 7.74 2.97
C LYS C 91 -20.81 8.18 1.54
N LEU C 92 -19.95 7.43 0.88
CA LEU C 92 -19.59 7.69 -0.49
C LEU C 92 -20.47 6.89 -1.42
N THR C 93 -20.98 7.52 -2.47
CA THR C 93 -21.69 6.79 -3.53
C THR C 93 -20.74 6.48 -4.66
N VAL C 94 -20.72 5.22 -5.09
CA VAL C 94 -19.88 4.82 -6.20
C VAL C 94 -20.73 4.34 -7.32
N ASP C 95 -20.12 4.24 -8.51
CA ASP C 95 -20.86 4.03 -9.75
C ASP C 95 -21.15 2.56 -10.10
N VAL C 96 -20.56 1.63 -9.35
CA VAL C 96 -20.81 0.19 -9.51
C VAL C 96 -21.38 -0.40 -8.20
N ALA C 97 -22.43 -1.21 -8.28
CA ALA C 97 -22.95 -1.84 -7.08
C ALA C 97 -22.12 -3.10 -6.80
N ASN C 98 -21.78 -3.37 -5.53
CA ASN C 98 -20.92 -4.49 -5.22
C ASN C 98 -21.67 -5.81 -5.52
N PRO C 99 -21.17 -6.62 -6.47
CA PRO C 99 -21.94 -7.81 -6.80
C PRO C 99 -21.81 -8.89 -5.77
N SER C 100 -20.91 -8.72 -4.81
CA SER C 100 -20.76 -9.68 -3.72
C SER C 100 -21.42 -9.17 -2.43
N THR C 101 -22.26 -8.14 -2.52
CA THR C 101 -22.98 -7.69 -1.32
C THR C 101 -23.85 -8.79 -0.70
N PRO C 102 -23.67 -9.05 0.61
CA PRO C 102 -24.52 -10.02 1.31
C PRO C 102 -25.87 -9.43 1.68
N ALA C 103 -26.84 -10.29 1.97
CA ALA C 103 -28.04 -9.89 2.70
C ALA C 103 -27.56 -9.27 4.01
N TYR C 104 -28.01 -8.05 4.32
CA TYR C 104 -27.51 -7.36 5.49
C TYR C 104 -28.49 -6.39 6.18
N THR C 105 -28.19 -6.11 7.44
CA THR C 105 -28.81 -5.01 8.17
C THR C 105 -27.74 -4.24 8.91
N PHE C 106 -28.11 -3.10 9.49
CA PHE C 106 -27.28 -2.38 10.44
C PHE C 106 -27.95 -2.50 11.80
N THR C 107 -27.15 -2.73 12.84
CA THR C 107 -27.65 -2.72 14.20
C THR C 107 -26.67 -1.96 15.07
N THR C 108 -27.19 -1.33 16.10
CA THR C 108 -26.40 -0.74 17.15
C THR C 108 -26.50 -1.69 18.28
N VAL C 109 -25.37 -2.25 18.73
CA VAL C 109 -25.41 -3.24 19.79
C VAL C 109 -25.39 -2.58 21.18
N LYS C 110 -25.69 -3.37 22.21
CA LYS C 110 -25.75 -2.86 23.58
C LYS C 110 -24.63 -3.48 24.40
N PRO C 111 -24.26 -2.83 25.50
CA PRO C 111 -23.20 -3.43 26.33
C PRO C 111 -23.51 -4.92 26.63
N GLY C 112 -22.50 -5.78 26.68
CA GLY C 112 -22.69 -7.19 26.91
C GLY C 112 -22.76 -8.06 25.67
N ALA C 113 -23.14 -7.43 24.56
CA ALA C 113 -23.33 -8.11 23.28
C ALA C 113 -21.99 -8.34 22.58
N ALA C 114 -21.85 -9.54 22.01
CA ALA C 114 -20.65 -9.98 21.30
C ALA C 114 -20.80 -9.80 19.77
N PHE C 115 -19.69 -9.50 19.09
CA PHE C 115 -19.65 -9.52 17.62
C PHE C 115 -18.28 -9.86 17.12
N SER C 116 -18.20 -10.22 15.84
CA SER C 116 -16.93 -10.59 15.22
C SER C 116 -16.34 -9.37 14.53
N VAL C 117 -15.03 -9.27 14.52
CA VAL C 117 -14.34 -8.15 13.87
C VAL C 117 -13.47 -8.75 12.79
N LEU C 118 -13.49 -8.14 11.59
CA LEU C 118 -12.54 -8.46 10.55
C LEU C 118 -11.48 -7.37 10.54
N ALA C 119 -10.30 -7.68 11.05
CA ALA C 119 -9.21 -6.70 11.13
C ALA C 119 -8.64 -6.55 9.72
N CYS C 120 -8.45 -5.32 9.27
CA CYS C 120 -8.09 -5.01 7.88
CA CYS C 120 -8.04 -5.08 7.89
C CYS C 120 -7.10 -3.86 7.77
N TYR C 121 -6.18 -3.95 6.81
CA TYR C 121 -5.12 -2.94 6.58
C TYR C 121 -5.00 -2.65 5.06
N ASN C 122 -5.20 -1.39 4.70
CA ASN C 122 -5.27 -0.98 3.29
C ASN C 122 -6.19 -1.84 2.46
N GLY C 123 -7.39 -2.08 2.98
CA GLY C 123 -8.41 -2.86 2.33
C GLY C 123 -8.12 -4.34 2.21
N ARG C 124 -7.12 -4.84 2.92
CA ARG C 124 -6.79 -6.27 2.88
C ARG C 124 -6.99 -6.88 4.27
N PRO C 125 -7.88 -7.87 4.39
CA PRO C 125 -8.14 -8.51 5.68
C PRO C 125 -6.92 -9.28 6.15
N THR C 126 -6.65 -9.21 7.44
CA THR C 126 -5.51 -9.87 8.03
C THR C 126 -5.87 -10.86 9.12
N GLY C 127 -7.02 -10.67 9.78
CA GLY C 127 -7.38 -11.54 10.87
C GLY C 127 -8.80 -11.30 11.36
N THR C 128 -9.37 -12.26 12.08
CA THR C 128 -10.65 -12.09 12.74
C THR C 128 -10.65 -12.56 14.24
N PHE C 129 -11.56 -12.00 15.02
CA PHE C 129 -11.62 -12.19 16.48
C PHE C 129 -12.95 -11.64 16.90
N THR C 130 -13.41 -12.04 18.10
CA THR C 130 -14.72 -11.64 18.64
C THR C 130 -14.51 -10.79 19.88
N VAL C 131 -15.37 -9.79 20.04
CA VAL C 131 -15.30 -8.88 21.16
C VAL C 131 -16.66 -8.74 21.82
N VAL C 132 -16.70 -8.19 23.03
CA VAL C 132 -17.95 -7.73 23.60
C VAL C 132 -17.91 -6.20 23.75
N MET C 133 -19.03 -5.55 23.45
CA MET C 133 -19.20 -4.16 23.75
C MET C 133 -19.16 -4.02 25.26
N ARG C 134 -18.14 -3.36 25.81
CA ARG C 134 -18.00 -3.29 27.26
C ARG C 134 -19.08 -2.39 27.86
N PRO C 135 -19.30 -2.50 29.18
CA PRO C 135 -20.26 -1.58 29.78
C PRO C 135 -19.92 -0.10 29.58
N ASN C 136 -18.65 0.24 29.40
CA ASN C 136 -18.28 1.63 29.21
C ASN C 136 -18.09 1.97 27.75
N TYR C 137 -18.72 1.17 26.87
CA TYR C 137 -18.82 1.46 25.43
C TYR C 137 -17.48 1.52 24.73
N THR C 138 -16.57 0.66 25.18
CA THR C 138 -15.35 0.35 24.47
C THR C 138 -15.34 -1.14 24.06
N ILE C 139 -14.33 -1.55 23.31
CA ILE C 139 -14.09 -2.96 23.08
C ILE C 139 -12.64 -3.21 23.36
N LYS C 140 -12.31 -4.43 23.73
CA LYS C 140 -10.92 -4.80 23.91
C LYS C 140 -10.51 -5.68 22.75
N GLY C 141 -9.90 -5.06 21.75
CA GLY C 141 -9.56 -5.76 20.53
C GLY C 141 -8.08 -5.70 20.31
N SER C 142 -7.68 -6.02 19.08
CA SER C 142 -6.29 -6.01 18.67
C SER C 142 -6.20 -5.28 17.33
N PHE C 143 -5.81 -4.00 17.39
CA PHE C 143 -5.76 -3.09 16.26
C PHE C 143 -4.45 -2.29 16.26
N LEU C 144 -3.82 -2.19 15.10
CA LEU C 144 -2.69 -1.30 14.90
C LEU C 144 -3.12 -0.12 14.02
N CYS C 145 -2.23 0.84 13.85
CA CYS C 145 -2.59 1.97 13.02
C CYS C 145 -2.73 1.44 11.59
N GLY C 146 -3.73 1.97 10.91
CA GLY C 146 -4.07 1.49 9.58
C GLY C 146 -5.35 0.67 9.61
N SER C 147 -5.79 0.30 10.82
CA SER C 147 -6.92 -0.63 10.96
C SER C 147 -8.25 0.10 10.94
N CYS C 148 -8.23 1.43 10.90
CA CYS C 148 -9.49 2.17 10.92
C CYS C 148 -10.34 1.80 9.70
N GLY C 149 -11.65 1.67 9.92
CA GLY C 149 -12.58 1.22 8.92
C GLY C 149 -12.81 -0.29 8.96
N SER C 150 -11.98 -1.03 9.71
CA SER C 150 -12.29 -2.46 9.92
C SER C 150 -13.69 -2.57 10.52
N VAL C 151 -14.40 -3.67 10.21
CA VAL C 151 -15.77 -3.79 10.59
C VAL C 151 -16.02 -4.90 11.60
N GLY C 152 -17.10 -4.73 12.32
CA GLY C 152 -17.66 -5.79 13.10
C GLY C 152 -19.12 -6.01 12.82
N TYR C 153 -19.53 -7.25 13.07
CA TYR C 153 -20.82 -7.75 12.63
C TYR C 153 -21.21 -8.99 13.42
N THR C 154 -22.51 -9.24 13.45
CA THR C 154 -23.04 -10.56 13.73
C THR C 154 -23.74 -11.09 12.49
N LYS C 155 -24.17 -12.34 12.55
CA LYS C 155 -24.74 -13.09 11.45
C LYS C 155 -25.95 -13.86 11.99
N GLU C 156 -27.10 -13.69 11.34
CA GLU C 156 -28.30 -14.46 11.63
C GLU C 156 -28.77 -15.16 10.35
N GLY C 157 -28.46 -16.44 10.26
CA GLY C 157 -28.69 -17.18 9.03
C GLY C 157 -27.69 -16.71 8.00
N SER C 158 -28.19 -16.30 6.85
CA SER C 158 -27.37 -15.73 5.79
C SER C 158 -27.25 -14.19 5.85
N VAL C 159 -27.95 -13.58 6.81
CA VAL C 159 -27.97 -12.12 6.94
C VAL C 159 -26.83 -11.60 7.81
N ILE C 160 -26.02 -10.69 7.27
CA ILE C 160 -24.95 -10.09 8.05
C ILE C 160 -25.52 -8.84 8.71
N ASN C 161 -25.37 -8.70 10.03
CA ASN C 161 -25.77 -7.46 10.69
C ASN C 161 -24.50 -6.70 11.08
N PHE C 162 -24.27 -5.61 10.37
CA PHE C 162 -23.10 -4.79 10.61
C PHE C 162 -23.38 -3.90 11.83
N CYS C 163 -22.47 -3.90 12.80
CA CYS C 163 -22.72 -3.15 14.03
C CYS C 163 -21.58 -2.22 14.46
N TYR C 164 -20.45 -2.26 13.77
CA TYR C 164 -19.26 -1.56 14.21
C TYR C 164 -18.35 -1.24 13.03
N MET C 165 -17.86 0.01 13.00
CA MET C 165 -16.73 0.42 12.18
C MET C 165 -15.65 1.10 13.04
N HIS C 166 -14.43 0.61 12.95
CA HIS C 166 -13.40 0.99 13.88
C HIS C 166 -12.88 2.40 13.60
N GLN C 167 -12.68 3.16 14.68
CA GLN C 167 -12.39 4.60 14.61
C GLN C 167 -11.11 5.00 15.35
N MET C 168 -10.81 4.37 16.48
CA MET C 168 -9.74 4.89 17.32
C MET C 168 -9.33 3.94 18.45
N GLU C 169 -8.07 4.09 18.88
CA GLU C 169 -7.57 3.50 20.11
C GLU C 169 -7.57 4.53 21.22
N LEU C 170 -8.13 4.18 22.38
CA LEU C 170 -8.31 5.13 23.47
C LEU C 170 -7.23 5.04 24.51
N ALA C 171 -6.64 3.85 24.63
CA ALA C 171 -5.60 3.52 25.59
C ALA C 171 -5.11 2.13 25.24
N ASN C 172 -4.17 1.56 25.98
CA ASN C 172 -3.67 0.23 25.57
C ASN C 172 -4.80 -0.80 25.54
N GLY C 173 -4.85 -1.54 24.43
CA GLY C 173 -5.84 -2.60 24.28
C GLY C 173 -7.29 -2.13 24.32
N THR C 174 -7.52 -0.83 24.15
CA THR C 174 -8.87 -0.25 24.36
C THR C 174 -9.29 0.62 23.17
N HIS C 175 -10.44 0.26 22.59
CA HIS C 175 -10.81 0.75 21.28
C HIS C 175 -12.25 1.15 21.22
N THR C 176 -12.58 1.98 20.22
CA THR C 176 -13.98 2.20 19.89
C THR C 176 -14.18 2.59 18.45
N GLY C 177 -15.45 2.69 18.07
CA GLY C 177 -15.87 2.83 16.69
C GLY C 177 -17.30 3.29 16.68
N SER C 178 -17.89 3.39 15.50
CA SER C 178 -19.29 3.80 15.37
C SER C 178 -20.17 2.68 14.85
N ALA C 179 -21.47 2.84 15.09
CA ALA C 179 -22.48 2.07 14.39
C ALA C 179 -22.64 2.70 13.00
N PHE C 180 -23.30 2.01 12.08
CA PHE C 180 -23.41 2.55 10.73
C PHE C 180 -24.52 3.59 10.58
N ASP C 181 -25.09 4.04 11.69
CA ASP C 181 -25.87 5.27 11.69
C ASP C 181 -24.93 6.47 11.84
N GLY C 182 -23.65 6.20 12.06
CA GLY C 182 -22.68 7.26 12.23
C GLY C 182 -22.41 7.68 13.67
N THR C 183 -23.16 7.15 14.63
CA THR C 183 -22.94 7.50 16.03
C THR C 183 -21.81 6.66 16.64
N MET C 184 -20.95 7.32 17.40
CA MET C 184 -19.82 6.65 18.03
C MET C 184 -20.25 5.97 19.28
N TYR C 185 -19.83 4.73 19.45
CA TYR C 185 -20.10 4.04 20.72
C TYR C 185 -19.47 4.83 21.85
N GLY C 186 -20.27 5.21 22.84
CA GLY C 186 -19.76 5.89 24.02
C GLY C 186 -19.54 7.39 23.82
N ALA C 187 -20.14 7.91 22.76
CA ALA C 187 -19.98 9.30 22.33
C ALA C 187 -18.55 9.84 22.34
N PHE C 188 -17.54 9.00 22.24
CA PHE C 188 -16.17 9.50 22.08
C PHE C 188 -16.06 10.30 20.78
N MET C 189 -15.05 11.17 20.72
CA MET C 189 -14.89 12.13 19.63
C MET C 189 -13.81 11.62 18.72
N ASP C 190 -14.04 11.72 17.42
CA ASP C 190 -13.02 11.34 16.45
C ASP C 190 -12.03 12.52 16.26
N LYS C 191 -11.22 12.73 17.28
CA LYS C 191 -10.11 13.68 17.22
C LYS C 191 -9.01 13.12 18.08
N GLN C 192 -7.77 13.46 17.76
CA GLN C 192 -6.67 12.85 18.49
C GLN C 192 -6.38 13.64 19.77
N VAL C 193 -7.13 13.30 20.83
CA VAL C 193 -6.96 13.85 22.18
CA VAL C 193 -7.00 13.87 22.17
C VAL C 193 -7.31 12.77 23.18
N HIS C 194 -6.68 12.83 24.35
CA HIS C 194 -6.99 11.82 25.38
C HIS C 194 -8.39 12.04 25.88
N GLN C 195 -9.10 10.93 26.09
CA GLN C 195 -10.51 10.95 26.46
C GLN C 195 -10.78 9.96 27.57
N VAL C 196 -11.45 10.40 28.62
CA VAL C 196 -11.55 9.58 29.82
C VAL C 196 -12.69 8.62 29.59
N GLN C 197 -12.46 7.38 29.99
CA GLN C 197 -13.47 6.31 29.89
CA GLN C 197 -13.48 6.34 29.89
C GLN C 197 -14.26 6.16 31.19
N LEU C 198 -15.55 5.89 31.06
CA LEU C 198 -16.34 5.50 32.21
C LEU C 198 -15.76 4.17 32.71
N THR C 199 -16.05 3.79 33.96
CA THR C 199 -15.48 2.57 34.54
CA THR C 199 -15.46 2.57 34.51
C THR C 199 -16.10 1.34 33.88
N ASP C 200 -15.28 0.33 33.64
CA ASP C 200 -15.74 -0.94 33.13
C ASP C 200 -16.46 -1.67 34.26
N LYS C 201 -17.18 -2.72 33.89
CA LYS C 201 -17.93 -3.56 34.82
C LYS C 201 -17.97 -4.99 34.29
N TYR C 202 -18.23 -5.94 35.17
CA TYR C 202 -18.50 -7.32 34.77
C TYR C 202 -19.86 -7.36 34.17
N CYS C 203 -19.97 -8.06 33.05
CA CYS C 203 -21.27 -8.31 32.46
C CYS C 203 -21.92 -9.52 33.15
N SER C 204 -22.78 -9.22 34.12
CA SER C 204 -23.47 -10.22 34.95
C SER C 204 -24.14 -11.36 34.16
N VAL C 205 -24.94 -11.02 33.16
CA VAL C 205 -25.66 -12.03 32.38
C VAL C 205 -24.73 -12.98 31.63
N ASN C 206 -23.60 -12.45 31.14
CA ASN C 206 -22.57 -13.29 30.52
C ASN C 206 -21.82 -14.17 31.52
N VAL C 207 -21.54 -13.64 32.69
CA VAL C 207 -20.94 -14.45 33.74
C VAL C 207 -21.86 -15.64 34.04
N VAL C 208 -23.15 -15.36 34.12
CA VAL C 208 -24.13 -16.42 34.37
C VAL C 208 -24.12 -17.43 33.21
N ALA C 209 -24.05 -16.94 31.97
CA ALA C 209 -24.04 -17.80 30.81
C ALA C 209 -22.90 -18.72 30.92
N TRP C 210 -21.76 -18.14 31.30
CA TRP C 210 -20.51 -18.88 31.35
C TRP C 210 -20.59 -19.96 32.42
N LEU C 211 -21.24 -19.62 33.53
CA LEU C 211 -21.41 -20.59 34.62
C LEU C 211 -22.31 -21.76 34.15
N TYR C 212 -23.37 -21.47 33.40
CA TYR C 212 -24.21 -22.52 32.81
C TYR C 212 -23.42 -23.37 31.85
N ALA C 213 -22.59 -22.72 31.05
CA ALA C 213 -21.75 -23.46 30.11
C ALA C 213 -20.86 -24.42 30.88
N ALA C 214 -20.34 -23.98 32.01
CA ALA C 214 -19.51 -24.84 32.84
C ALA C 214 -20.27 -26.08 33.29
N ILE C 215 -21.44 -25.86 33.91
CA ILE C 215 -22.25 -26.97 34.36
C ILE C 215 -22.50 -27.95 33.21
N LEU C 216 -22.91 -27.43 32.06
CA LEU C 216 -23.14 -28.26 30.90
C LEU C 216 -21.88 -29.01 30.47
N ASN C 217 -20.71 -28.53 30.86
CA ASN C 217 -19.44 -29.20 30.50
C ASN C 217 -18.84 -30.01 31.67
N GLY C 218 -19.64 -30.23 32.70
CA GLY C 218 -19.25 -31.13 33.78
C GLY C 218 -18.59 -30.44 34.94
N CYS C 219 -18.58 -29.11 34.92
CA CYS C 219 -17.95 -28.30 35.96
C CYS C 219 -19.00 -27.51 36.73
N ALA C 220 -19.29 -27.92 37.97
CA ALA C 220 -20.41 -27.37 38.72
C ALA C 220 -20.23 -27.43 40.25
N TRP C 221 -18.99 -27.34 40.72
CA TRP C 221 -18.70 -27.38 42.14
C TRP C 221 -19.15 -26.11 42.91
N PHE C 222 -19.33 -25.02 42.18
CA PHE C 222 -19.78 -23.76 42.76
C PHE C 222 -21.28 -23.73 42.97
N VAL C 223 -22.00 -24.73 42.47
CA VAL C 223 -23.45 -24.73 42.60
C VAL C 223 -23.83 -25.16 44.03
N LYS C 224 -24.71 -24.38 44.64
CA LYS C 224 -25.30 -24.71 45.95
C LYS C 224 -26.81 -24.43 45.91
N PRO C 225 -27.57 -24.98 46.87
CA PRO C 225 -29.02 -24.75 46.92
C PRO C 225 -29.36 -23.28 47.06
N ASN C 226 -28.47 -22.57 47.74
CA ASN C 226 -28.66 -21.17 48.09
C ASN C 226 -28.91 -20.25 46.91
N ARG C 227 -29.79 -19.29 47.13
CA ARG C 227 -30.22 -18.40 46.06
CA ARG C 227 -30.20 -18.40 46.07
C ARG C 227 -30.11 -16.94 46.44
N THR C 228 -29.94 -16.10 45.44
CA THR C 228 -30.04 -14.66 45.61
C THR C 228 -31.04 -14.17 44.59
N SER C 229 -31.99 -13.35 45.03
CA SER C 229 -32.97 -12.82 44.10
C SER C 229 -32.29 -11.92 43.08
N VAL C 230 -32.99 -11.64 41.99
CA VAL C 230 -32.46 -10.76 40.97
C VAL C 230 -32.42 -9.35 41.53
N VAL C 231 -33.45 -8.99 42.29
CA VAL C 231 -33.53 -7.63 42.78
C VAL C 231 -32.42 -7.41 43.81
N SER C 232 -32.19 -8.38 44.67
CA SER C 232 -31.11 -8.27 45.65
C SER C 232 -29.76 -8.33 44.96
N PHE C 233 -29.63 -9.17 43.95
CA PHE C 233 -28.33 -9.27 43.27
C PHE C 233 -28.04 -7.92 42.65
N ASN C 234 -29.06 -7.27 42.13
CA ASN C 234 -28.86 -6.03 41.41
C ASN C 234 -28.53 -4.82 42.30
N GLU C 235 -29.02 -4.83 43.54
CA GLU C 235 -28.60 -3.82 44.51
C GLU C 235 -27.11 -4.02 44.78
N TRP C 236 -26.75 -5.27 45.05
CA TRP C 236 -25.35 -5.65 45.27
C TRP C 236 -24.44 -5.32 44.08
N ALA C 237 -25.00 -5.36 42.88
CA ALA C 237 -24.21 -5.18 41.67
C ALA C 237 -23.70 -3.74 41.57
N LEU C 238 -24.59 -2.80 41.88
CA LEU C 238 -24.28 -1.37 41.91
C LEU C 238 -23.09 -1.00 42.75
N ALA C 239 -22.79 -1.84 43.74
CA ALA C 239 -21.78 -1.53 44.73
C ALA C 239 -20.51 -2.32 44.49
N ASN C 240 -20.57 -3.31 43.59
CA ASN C 240 -19.41 -4.15 43.35
C ASN C 240 -18.99 -4.26 41.88
N GLN C 241 -19.41 -3.30 41.06
CA GLN C 241 -18.93 -3.21 39.68
C GLN C 241 -19.42 -4.36 38.83
N PHE C 242 -20.73 -4.61 38.90
CA PHE C 242 -21.45 -5.56 38.07
C PHE C 242 -22.57 -4.81 37.43
N THR C 243 -22.90 -5.20 36.21
CA THR C 243 -24.03 -4.66 35.50
C THR C 243 -25.31 -5.16 36.15
N GLU C 244 -26.38 -4.41 35.95
CA GLU C 244 -27.71 -4.92 36.28
C GLU C 244 -27.96 -6.20 35.52
N PHE C 245 -28.38 -7.26 36.19
CA PHE C 245 -28.74 -8.49 35.52
C PHE C 245 -30.18 -8.42 35.00
N VAL C 246 -30.34 -8.76 33.71
CA VAL C 246 -31.65 -8.89 33.05
C VAL C 246 -31.72 -10.20 32.34
N GLY C 247 -32.76 -10.97 32.64
CA GLY C 247 -32.88 -12.30 32.09
C GLY C 247 -33.39 -12.24 30.66
N THR C 248 -33.09 -13.29 29.91
CA THR C 248 -33.55 -13.37 28.55
C THR C 248 -34.04 -14.77 28.36
N GLN C 249 -34.81 -14.96 27.29
CA GLN C 249 -35.29 -16.28 26.91
C GLN C 249 -34.08 -17.17 26.67
N SER C 250 -32.98 -16.55 26.30
CA SER C 250 -31.76 -17.27 25.99
C SER C 250 -31.17 -17.89 27.27
N VAL C 251 -30.94 -17.05 28.28
CA VAL C 251 -30.56 -17.55 29.60
C VAL C 251 -31.56 -18.59 30.09
N ASP C 252 -32.86 -18.29 29.99
CA ASP C 252 -33.87 -19.18 30.57
C ASP C 252 -33.75 -20.57 30.00
N MET C 253 -33.38 -20.69 28.73
CA MET C 253 -33.10 -22.01 28.14
C MET C 253 -32.00 -22.80 28.86
N LEU C 254 -30.93 -22.13 29.25
CA LEU C 254 -29.84 -22.81 29.97
C LEU C 254 -30.32 -23.25 31.39
N ALA C 255 -31.26 -22.50 31.97
CA ALA C 255 -31.81 -22.82 33.30
C ALA C 255 -32.72 -24.03 33.19
N VAL C 256 -33.54 -24.05 32.15
CA VAL C 256 -34.41 -25.18 31.87
C VAL C 256 -33.59 -26.44 31.61
N LYS C 257 -32.46 -26.30 30.90
CA LYS C 257 -31.70 -27.47 30.46
C LYS C 257 -30.84 -28.06 31.55
N THR C 258 -30.25 -27.20 32.38
CA THR C 258 -29.42 -27.64 33.53
C THR C 258 -30.18 -27.97 34.84
N GLY C 259 -31.42 -27.49 34.94
CA GLY C 259 -32.17 -27.66 36.17
C GLY C 259 -31.64 -26.79 37.30
N VAL C 260 -30.75 -25.84 36.97
CA VAL C 260 -30.17 -24.90 37.94
C VAL C 260 -30.72 -23.50 37.71
N ALA C 261 -31.22 -22.88 38.78
CA ALA C 261 -31.99 -21.67 38.63
C ALA C 261 -31.06 -20.47 38.51
N ILE C 262 -31.50 -19.43 37.80
CA ILE C 262 -30.72 -18.20 37.73
C ILE C 262 -30.22 -17.76 39.12
N GLU C 263 -31.11 -17.75 40.11
CA GLU C 263 -30.80 -17.15 41.40
C GLU C 263 -29.72 -17.94 42.13
N GLN C 264 -29.60 -19.22 41.81
CA GLN C 264 -28.53 -20.05 42.34
C GLN C 264 -27.16 -19.61 41.85
N LEU C 265 -27.11 -19.05 40.64
CA LEU C 265 -25.84 -18.61 40.07
C LEU C 265 -25.56 -17.17 40.46
N LEU C 266 -26.58 -16.37 40.68
CA LEU C 266 -26.37 -15.04 41.23
C LEU C 266 -25.74 -15.16 42.60
N TYR C 267 -26.20 -16.14 43.38
CA TYR C 267 -25.63 -16.39 44.70
C TYR C 267 -24.20 -16.85 44.55
N ALA C 268 -23.94 -17.76 43.62
CA ALA C 268 -22.56 -18.21 43.42
C ALA C 268 -21.62 -17.10 42.94
N ILE C 269 -22.13 -16.16 42.16
CA ILE C 269 -21.24 -15.09 41.65
C ILE C 269 -20.74 -14.21 42.80
N GLN C 270 -21.63 -13.83 43.70
CA GLN C 270 -21.26 -13.13 44.94
C GLN C 270 -20.18 -13.87 45.73
N GLN C 271 -20.28 -15.18 45.86
CA GLN C 271 -19.24 -15.91 46.59
C GLN C 271 -17.95 -15.94 45.79
N LEU C 272 -18.06 -16.16 44.47
CA LEU C 272 -16.90 -16.34 43.61
C LEU C 272 -16.15 -15.02 43.36
N TYR C 273 -16.88 -13.90 43.45
CA TYR C 273 -16.28 -12.57 43.36
C TYR C 273 -15.04 -12.51 44.23
N THR C 274 -15.24 -12.76 45.52
CA THR C 274 -14.16 -12.72 46.52
C THR C 274 -12.96 -13.59 46.12
N GLY C 275 -13.19 -14.90 45.93
CA GLY C 275 -12.11 -15.78 45.52
C GLY C 275 -12.61 -17.13 45.02
N PHE C 276 -11.83 -17.77 44.16
CA PHE C 276 -12.11 -19.13 43.70
C PHE C 276 -11.49 -20.17 44.63
N GLN C 277 -10.50 -19.73 45.41
CA GLN C 277 -9.81 -20.60 46.37
C GLN C 277 -9.13 -21.79 45.68
N GLY C 278 -8.15 -21.50 44.81
CA GLY C 278 -7.41 -22.53 44.11
C GLY C 278 -8.24 -23.54 43.32
N LYS C 279 -9.38 -23.09 42.81
CA LYS C 279 -10.19 -23.91 41.91
C LYS C 279 -10.32 -23.20 40.56
N GLN C 280 -10.67 -23.96 39.52
CA GLN C 280 -10.79 -23.43 38.17
CA GLN C 280 -10.79 -23.42 38.18
C GLN C 280 -12.19 -23.69 37.62
N ILE C 281 -12.62 -22.84 36.70
CA ILE C 281 -13.89 -23.04 36.02
C ILE C 281 -13.64 -22.96 34.53
N LEU C 282 -13.81 -24.08 33.83
CA LEU C 282 -13.54 -24.12 32.40
C LEU C 282 -12.18 -23.54 32.07
N GLY C 283 -11.18 -23.90 32.86
CA GLY C 283 -9.82 -23.49 32.61
C GLY C 283 -9.48 -22.10 33.11
N SER C 284 -10.46 -21.39 33.67
CA SER C 284 -10.23 -20.04 34.17
C SER C 284 -10.27 -20.00 35.70
N THR C 285 -9.42 -19.17 36.28
CA THR C 285 -9.43 -18.93 37.74
C THR C 285 -9.97 -17.54 38.11
N MET C 286 -10.63 -16.89 37.13
CA MET C 286 -11.39 -15.66 37.39
CA MET C 286 -11.42 -15.69 37.40
C MET C 286 -12.67 -15.69 36.56
N LEU C 287 -13.65 -14.89 36.95
CA LEU C 287 -14.92 -14.77 36.24
C LEU C 287 -14.69 -14.37 34.77
N GLU C 288 -15.38 -15.02 33.84
CA GLU C 288 -15.36 -14.66 32.43
C GLU C 288 -16.69 -14.05 32.03
N ASP C 289 -16.64 -12.90 31.36
CA ASP C 289 -17.84 -12.21 30.98
C ASP C 289 -17.91 -11.90 29.49
N GLU C 290 -17.07 -12.51 28.66
CA GLU C 290 -17.21 -12.30 27.21
C GLU C 290 -17.86 -13.49 26.46
N PHE C 291 -18.40 -14.48 27.18
CA PHE C 291 -19.29 -15.47 26.55
C PHE C 291 -20.75 -15.15 26.84
N THR C 292 -21.52 -14.80 25.81
CA THR C 292 -22.94 -14.47 25.93
C THR C 292 -23.86 -15.71 26.12
N PRO C 293 -25.08 -15.48 26.58
CA PRO C 293 -25.99 -16.65 26.60
C PRO C 293 -26.26 -17.22 25.19
N GLU C 294 -26.41 -16.36 24.17
CA GLU C 294 -26.67 -16.83 22.80
C GLU C 294 -25.49 -17.64 22.30
N ASP C 295 -24.29 -17.15 22.62
CA ASP C 295 -23.05 -17.85 22.32
C ASP C 295 -23.08 -19.22 22.96
N VAL C 296 -23.32 -19.27 24.27
CA VAL C 296 -23.23 -20.53 25.01
C VAL C 296 -24.26 -21.54 24.50
N ASN C 297 -25.48 -21.09 24.23
CA ASN C 297 -26.49 -22.00 23.69
C ASN C 297 -26.00 -22.64 22.38
N MET C 298 -25.45 -21.81 21.50
N MET C 298 -25.45 -21.82 21.49
CA MET C 298 -24.93 -22.22 20.19
CA MET C 298 -24.97 -22.29 20.19
C MET C 298 -23.78 -23.23 20.32
C MET C 298 -23.78 -23.26 20.32
N GLN C 299 -22.84 -22.99 21.22
CA GLN C 299 -21.66 -23.86 21.34
C GLN C 299 -21.91 -25.19 22.04
N ILE C 300 -22.96 -25.28 22.86
CA ILE C 300 -23.12 -26.47 23.71
C ILE C 300 -24.39 -27.25 23.36
N MET C 301 -25.29 -26.66 22.57
CA MET C 301 -26.56 -27.31 22.18
C MET C 301 -26.97 -27.04 20.74
N GLY C 302 -26.02 -26.63 19.91
CA GLY C 302 -26.25 -26.44 18.48
C GLY C 302 -27.44 -25.57 18.15
N SER D 1 -2.84 -1.36 19.56
CA SER D 1 -2.30 -2.32 20.57
C SER D 1 -3.39 -3.31 21.04
N GLY D 2 -3.03 -4.20 21.98
CA GLY D 2 -3.96 -5.23 22.43
C GLY D 2 -3.64 -6.59 21.86
N LEU D 3 -4.03 -7.65 22.59
CA LEU D 3 -3.77 -9.05 22.18
C LEU D 3 -5.04 -9.84 22.32
N VAL D 4 -5.46 -10.53 21.26
CA VAL D 4 -6.64 -11.35 21.32
C VAL D 4 -6.38 -12.66 20.63
N LYS D 5 -7.30 -13.60 20.84
CA LYS D 5 -7.32 -14.85 20.10
C LYS D 5 -7.74 -14.48 18.68
N MET D 6 -6.87 -14.73 17.73
CA MET D 6 -7.07 -14.24 16.38
C MET D 6 -6.90 -15.40 15.45
N SER D 7 -7.79 -15.45 14.45
CA SER D 7 -7.85 -16.47 13.43
C SER D 7 -7.66 -15.86 12.02
N HIS D 8 -7.19 -16.67 11.08
CA HIS D 8 -7.08 -16.20 9.70
C HIS D 8 -8.46 -15.80 9.14
N PRO D 9 -8.52 -14.83 8.24
CA PRO D 9 -9.77 -14.70 7.45
C PRO D 9 -10.13 -16.06 6.80
N SER D 10 -11.41 -16.47 6.76
CA SER D 10 -11.73 -17.86 6.41
C SER D 10 -12.30 -18.07 5.01
N GLY D 11 -12.51 -16.99 4.28
CA GLY D 11 -13.15 -17.03 2.96
C GLY D 11 -12.55 -18.05 2.01
N ASP D 12 -11.23 -18.09 1.93
CA ASP D 12 -10.57 -19.05 1.07
C ASP D 12 -10.91 -20.52 1.41
N VAL D 13 -11.03 -20.85 2.69
CA VAL D 13 -11.27 -22.24 3.05
C VAL D 13 -12.75 -22.53 3.00
N GLU D 14 -13.58 -21.52 3.26
CA GLU D 14 -15.04 -21.66 3.15
C GLU D 14 -15.43 -22.22 1.77
N ALA D 15 -14.79 -21.71 0.71
CA ALA D 15 -15.07 -22.12 -0.66
C ALA D 15 -14.70 -23.58 -0.94
N CYS D 16 -13.94 -24.23 -0.05
CA CYS D 16 -13.54 -25.63 -0.25
C CYS D 16 -14.36 -26.66 0.57
N MET D 17 -15.27 -26.18 1.42
CA MET D 17 -16.03 -27.07 2.27
C MET D 17 -17.24 -27.67 1.52
N VAL D 18 -17.43 -28.97 1.68
CA VAL D 18 -18.60 -29.68 1.20
C VAL D 18 -19.15 -30.65 2.26
N GLN D 19 -20.35 -31.15 1.99
CA GLN D 19 -20.96 -32.20 2.79
C GLN D 19 -20.75 -33.54 2.12
N VAL D 20 -20.30 -34.52 2.92
CA VAL D 20 -20.11 -35.87 2.43
C VAL D 20 -21.09 -36.80 3.14
N THR D 21 -21.79 -37.57 2.33
CA THR D 21 -22.78 -38.55 2.80
C THR D 21 -22.39 -39.95 2.35
N CYS D 22 -22.66 -40.89 3.24
CA CYS D 22 -22.47 -42.30 2.95
C CYS D 22 -23.63 -43.05 3.61
N GLY D 23 -24.69 -43.22 2.82
CA GLY D 23 -25.89 -43.85 3.29
C GLY D 23 -26.52 -42.98 4.34
N SER D 24 -26.71 -43.56 5.53
CA SER D 24 -27.42 -42.88 6.61
C SER D 24 -26.57 -41.82 7.30
N MET D 25 -25.25 -41.88 7.12
CA MET D 25 -24.32 -40.99 7.84
C MET D 25 -23.88 -39.80 7.00
N THR D 26 -23.70 -38.65 7.65
CA THR D 26 -23.24 -37.43 6.97
C THR D 26 -22.25 -36.65 7.84
N LEU D 27 -21.21 -36.10 7.21
CA LEU D 27 -20.27 -35.13 7.82
C LEU D 27 -19.67 -34.18 6.75
N ASN D 28 -18.58 -33.49 7.12
CA ASN D 28 -17.94 -32.49 6.24
C ASN D 28 -16.72 -33.01 5.54
N GLY D 29 -16.42 -32.39 4.41
CA GLY D 29 -15.26 -32.73 3.60
C GLY D 29 -14.58 -31.52 2.98
N LEU D 30 -13.32 -31.71 2.57
CA LEU D 30 -12.49 -30.66 1.98
C LEU D 30 -12.28 -30.97 0.49
N TRP D 31 -12.83 -30.09 -0.36
CA TRP D 31 -12.81 -30.24 -1.82
C TRP D 31 -11.70 -29.41 -2.44
N LEU D 32 -10.63 -30.09 -2.85
CA LEU D 32 -9.48 -29.49 -3.49
C LEU D 32 -9.25 -30.11 -4.89
N ASP D 33 -9.32 -29.29 -5.93
CA ASP D 33 -9.29 -29.81 -7.31
C ASP D 33 -10.35 -30.95 -7.50
N ASN D 34 -9.94 -32.17 -7.93
CA ASN D 34 -10.92 -33.29 -8.12
C ASN D 34 -11.06 -34.24 -6.92
N THR D 35 -10.46 -33.88 -5.80
CA THR D 35 -10.43 -34.72 -4.60
C THR D 35 -11.30 -34.14 -3.50
N VAL D 36 -11.83 -35.03 -2.67
CA VAL D 36 -12.58 -34.67 -1.47
C VAL D 36 -12.11 -35.58 -0.35
N TRP D 37 -11.55 -34.96 0.69
CA TRP D 37 -11.11 -35.66 1.89
C TRP D 37 -12.15 -35.56 2.98
N CYS D 38 -12.42 -36.69 3.63
CA CYS D 38 -13.25 -36.68 4.82
C CYS D 38 -12.82 -37.82 5.73
N PRO D 39 -13.30 -37.81 7.00
CA PRO D 39 -12.97 -38.91 7.91
C PRO D 39 -13.60 -40.24 7.43
N ARG D 40 -12.87 -41.33 7.58
CA ARG D 40 -13.39 -42.59 7.09
C ARG D 40 -14.55 -43.08 7.97
N HIS D 41 -14.69 -42.56 9.18
CA HIS D 41 -15.77 -43.02 10.02
C HIS D 41 -17.15 -42.58 9.53
N VAL D 42 -17.21 -41.78 8.45
CA VAL D 42 -18.49 -41.57 7.75
C VAL D 42 -19.10 -42.92 7.33
N MET D 43 -18.24 -43.91 7.06
CA MET D 43 -18.69 -45.24 6.61
C MET D 43 -19.28 -46.13 7.71
N CYS D 44 -19.14 -45.74 8.96
CA CYS D 44 -19.40 -46.67 10.06
C CYS D 44 -20.81 -46.57 10.65
N PRO D 45 -21.58 -47.70 10.62
CA PRO D 45 -22.91 -47.68 11.25
C PRO D 45 -22.87 -47.55 12.76
N ALA D 46 -23.97 -47.07 13.36
CA ALA D 46 -24.05 -46.83 14.80
C ALA D 46 -23.56 -48.02 15.66
N ASP D 47 -23.97 -49.22 15.28
CA ASP D 47 -23.71 -50.42 16.09
C ASP D 47 -22.28 -50.94 15.95
N GLN D 48 -21.52 -50.34 15.04
CA GLN D 48 -20.14 -50.76 14.80
C GLN D 48 -19.14 -49.76 15.38
N LEU D 49 -19.64 -48.69 15.99
CA LEU D 49 -18.81 -47.56 16.41
C LEU D 49 -17.77 -47.91 17.46
N SER D 50 -18.03 -48.94 18.26
CA SER D 50 -17.15 -49.33 19.34
C SER D 50 -15.79 -49.79 18.85
N ASP D 51 -15.79 -50.75 17.94
CA ASP D 51 -14.55 -51.13 17.26
C ASP D 51 -14.90 -51.47 15.82
N PRO D 52 -14.62 -50.54 14.90
CA PRO D 52 -14.97 -50.74 13.50
C PRO D 52 -13.84 -51.33 12.69
N ASN D 53 -14.21 -52.21 11.77
CA ASN D 53 -13.28 -52.78 10.81
C ASN D 53 -13.35 -51.97 9.50
N TYR D 54 -12.51 -50.94 9.37
CA TYR D 54 -12.63 -50.03 8.23
C TYR D 54 -12.26 -50.69 6.91
N ASP D 55 -11.29 -51.61 6.92
CA ASP D 55 -10.90 -52.34 5.73
C ASP D 55 -12.12 -53.06 5.14
N ALA D 56 -12.89 -53.72 5.98
CA ALA D 56 -14.08 -54.44 5.55
C ALA D 56 -15.21 -53.51 5.19
N LEU D 57 -15.32 -52.39 5.90
CA LEU D 57 -16.36 -51.42 5.59
C LEU D 57 -16.16 -50.85 4.19
N LEU D 58 -14.89 -50.64 3.82
CA LEU D 58 -14.52 -49.99 2.56
C LEU D 58 -14.86 -50.85 1.33
N ILE D 59 -14.44 -52.09 1.37
CA ILE D 59 -14.66 -52.98 0.23
C ILE D 59 -16.14 -53.34 0.07
N SER D 60 -16.98 -52.96 1.03
CA SER D 60 -18.44 -53.09 0.88
C SER D 60 -19.06 -51.85 0.19
N MET D 61 -18.26 -50.81 0.00
CA MET D 61 -18.73 -49.58 -0.63
C MET D 61 -18.50 -49.62 -2.13
N THR D 62 -19.36 -48.91 -2.88
CA THR D 62 -19.10 -48.53 -4.28
C THR D 62 -19.08 -46.99 -4.37
N ASN D 63 -18.67 -46.44 -5.53
CA ASN D 63 -18.68 -45.00 -5.74
C ASN D 63 -20.08 -44.46 -5.45
N HIS D 64 -21.09 -45.22 -5.84
CA HIS D 64 -22.51 -44.87 -5.63
CA HIS D 64 -22.48 -44.81 -5.64
C HIS D 64 -22.84 -44.73 -4.14
N SER D 65 -22.04 -45.38 -3.28
CA SER D 65 -22.32 -45.35 -1.83
C SER D 65 -22.17 -43.94 -1.23
N PHE D 66 -21.29 -43.16 -1.84
CA PHE D 66 -21.00 -41.81 -1.40
C PHE D 66 -21.70 -40.74 -2.21
N SER D 67 -21.98 -39.61 -1.59
CA SER D 67 -22.42 -38.44 -2.32
C SER D 67 -21.82 -37.18 -1.68
N VAL D 68 -21.71 -36.15 -2.51
CA VAL D 68 -21.08 -34.91 -2.11
C VAL D 68 -21.90 -33.74 -2.58
N GLN D 69 -22.16 -32.81 -1.67
CA GLN D 69 -22.91 -31.60 -1.95
C GLN D 69 -22.14 -30.36 -1.51
N LYS D 70 -22.08 -29.41 -2.42
CA LYS D 70 -21.65 -28.05 -2.17
C LYS D 70 -22.87 -27.24 -1.78
N HIS D 71 -22.79 -26.51 -0.68
CA HIS D 71 -23.90 -25.67 -0.26
C HIS D 71 -23.59 -24.16 -0.36
N ILE D 72 -22.38 -23.76 0.01
CA ILE D 72 -22.10 -22.36 0.30
C ILE D 72 -22.15 -21.41 -0.90
N GLY D 73 -21.68 -21.83 -2.06
CA GLY D 73 -21.69 -20.95 -3.22
C GLY D 73 -21.70 -21.70 -4.53
N ALA D 74 -22.65 -21.35 -5.40
CA ALA D 74 -22.91 -22.14 -6.59
C ALA D 74 -23.12 -23.60 -6.17
N PRO D 75 -24.26 -23.86 -5.50
CA PRO D 75 -24.53 -25.20 -4.99
C PRO D 75 -24.48 -26.27 -6.09
N ALA D 76 -24.04 -27.46 -5.73
CA ALA D 76 -23.93 -28.53 -6.71
C ALA D 76 -23.83 -29.86 -6.02
N ASN D 77 -24.27 -30.90 -6.73
CA ASN D 77 -23.93 -32.26 -6.38
CA ASN D 77 -23.92 -32.26 -6.36
C ASN D 77 -22.67 -32.61 -7.14
N LEU D 78 -21.73 -33.27 -6.48
CA LEU D 78 -20.49 -33.69 -7.11
C LEU D 78 -20.56 -35.18 -7.21
N ARG D 79 -20.35 -35.68 -8.41
CA ARG D 79 -20.47 -37.11 -8.60
C ARG D 79 -19.16 -37.79 -8.27
N VAL D 80 -19.22 -38.80 -7.41
CA VAL D 80 -18.05 -39.56 -7.02
C VAL D 80 -17.72 -40.64 -8.07
N VAL D 81 -16.44 -40.66 -8.48
CA VAL D 81 -15.94 -41.49 -9.57
C VAL D 81 -14.74 -42.29 -9.12
N GLY D 82 -14.37 -42.11 -7.84
CA GLY D 82 -13.25 -42.80 -7.24
C GLY D 82 -13.45 -42.81 -5.73
N HIS D 83 -12.88 -43.78 -5.03
CA HIS D 83 -12.89 -43.81 -3.57
C HIS D 83 -11.72 -44.66 -3.08
N ALA D 84 -10.98 -44.09 -2.14
CA ALA D 84 -9.83 -44.77 -1.56
C ALA D 84 -9.69 -44.36 -0.10
N MET D 85 -8.86 -45.11 0.63
CA MET D 85 -8.65 -44.91 2.02
C MET D 85 -7.17 -44.67 2.29
N GLN D 86 -6.90 -43.60 3.02
CA GLN D 86 -5.52 -43.23 3.33
C GLN D 86 -5.48 -42.99 4.82
N GLY D 87 -5.02 -44.00 5.56
CA GLY D 87 -5.00 -43.94 7.01
C GLY D 87 -6.40 -43.76 7.54
N THR D 88 -6.62 -42.68 8.29
CA THR D 88 -7.91 -42.44 8.94
C THR D 88 -8.86 -41.59 8.13
N LEU D 89 -8.48 -41.30 6.89
CA LEU D 89 -9.27 -40.45 6.00
C LEU D 89 -9.71 -41.20 4.74
N LEU D 90 -10.88 -40.84 4.21
CA LEU D 90 -11.25 -41.17 2.83
C LEU D 90 -10.72 -40.14 1.83
N LYS D 91 -10.18 -40.64 0.73
CA LYS D 91 -9.82 -39.83 -0.42
C LYS D 91 -10.81 -40.17 -1.52
N LEU D 92 -11.75 -39.26 -1.74
CA LEU D 92 -12.74 -39.38 -2.78
C LEU D 92 -12.38 -38.58 -4.03
N THR D 93 -12.61 -39.15 -5.21
CA THR D 93 -12.43 -38.43 -6.48
C THR D 93 -13.78 -38.06 -7.05
N VAL D 94 -14.00 -36.77 -7.34
CA VAL D 94 -15.27 -36.33 -7.92
C VAL D 94 -15.04 -35.86 -9.38
N ASP D 95 -16.13 -35.73 -10.14
CA ASP D 95 -16.07 -35.35 -11.56
C ASP D 95 -15.84 -33.85 -11.81
N VAL D 96 -16.06 -33.00 -10.81
CA VAL D 96 -15.83 -31.56 -10.96
C VAL D 96 -14.63 -31.08 -10.18
N ALA D 97 -13.79 -30.25 -10.80
CA ALA D 97 -12.63 -29.71 -10.08
C ALA D 97 -13.05 -28.44 -9.36
N ASN D 98 -12.74 -28.33 -8.08
CA ASN D 98 -13.06 -27.09 -7.35
C ASN D 98 -12.39 -25.89 -8.11
N PRO D 99 -13.20 -24.99 -8.67
CA PRO D 99 -12.63 -23.85 -9.42
C PRO D 99 -11.98 -22.80 -8.53
N SER D 100 -12.24 -22.88 -7.23
CA SER D 100 -11.63 -22.00 -6.26
C SER D 100 -10.66 -22.74 -5.36
N THR D 101 -9.81 -23.60 -5.94
CA THR D 101 -8.86 -24.34 -5.13
C THR D 101 -7.73 -23.38 -4.85
N PRO D 102 -7.44 -23.13 -3.57
CA PRO D 102 -6.31 -22.25 -3.22
C PRO D 102 -5.00 -22.94 -3.49
N ALA D 103 -3.92 -22.16 -3.55
CA ALA D 103 -2.58 -22.75 -3.49
C ALA D 103 -2.45 -23.38 -2.11
N TYR D 104 -2.06 -24.65 -2.04
CA TYR D 104 -2.02 -25.31 -0.73
C TYR D 104 -0.87 -26.31 -0.59
N THR D 105 -0.53 -26.59 0.67
CA THR D 105 0.27 -27.77 1.03
C THR D 105 -0.34 -28.53 2.22
N PHE D 106 0.20 -29.72 2.46
CA PHE D 106 -0.16 -30.59 3.54
C PHE D 106 1.03 -30.72 4.49
N THR D 107 0.88 -30.22 5.69
CA THR D 107 1.97 -30.21 6.64
C THR D 107 1.45 -30.61 7.99
N THR D 108 2.25 -31.36 8.73
CA THR D 108 1.89 -31.80 10.06
C THR D 108 2.46 -30.78 11.04
N VAL D 109 1.63 -30.28 11.94
CA VAL D 109 2.11 -29.31 12.89
C VAL D 109 2.66 -29.98 14.14
N LYS D 110 3.57 -29.31 14.83
CA LYS D 110 4.20 -29.86 16.02
C LYS D 110 3.52 -29.26 17.24
N PRO D 111 3.72 -29.87 18.41
CA PRO D 111 3.16 -29.30 19.63
C PRO D 111 3.60 -27.85 19.82
N GLY D 112 2.70 -27.02 20.33
CA GLY D 112 2.99 -25.61 20.53
C GLY D 112 2.61 -24.76 19.31
N ALA D 113 2.52 -25.36 18.13
CA ALA D 113 2.17 -24.60 16.93
C ALA D 113 0.67 -24.31 16.90
N ALA D 114 0.33 -23.11 16.44
CA ALA D 114 -1.05 -22.63 16.37
C ALA D 114 -1.65 -22.78 14.96
N PHE D 115 -2.97 -22.93 14.89
CA PHE D 115 -3.60 -22.95 13.59
C PHE D 115 -5.05 -22.56 13.73
N SER D 116 -5.65 -22.09 12.63
CA SER D 116 -7.06 -21.72 12.59
C SER D 116 -7.93 -22.95 12.25
N VAL D 117 -9.12 -22.97 12.80
CA VAL D 117 -10.06 -24.06 12.60
C VAL D 117 -11.33 -23.48 12.02
N LEU D 118 -11.84 -24.06 10.95
CA LEU D 118 -13.13 -23.61 10.45
C LEU D 118 -14.14 -24.68 10.84
N ALA D 119 -15.02 -24.37 11.79
CA ALA D 119 -16.00 -25.35 12.24
C ALA D 119 -17.19 -25.37 11.31
N CYS D 120 -17.60 -26.57 10.90
CA CYS D 120 -18.65 -26.77 9.90
C CYS D 120 -19.62 -27.85 10.31
N TYR D 121 -20.87 -27.66 9.94
CA TYR D 121 -21.92 -28.66 10.17
C TYR D 121 -22.73 -28.80 8.87
N ASN D 122 -22.85 -30.03 8.37
CA ASN D 122 -23.59 -30.30 7.12
C ASN D 122 -23.01 -29.58 5.92
N GLY D 123 -21.70 -29.43 5.89
CA GLY D 123 -21.05 -28.78 4.78
C GLY D 123 -21.12 -27.27 4.84
N ARG D 124 -21.62 -26.73 5.95
CA ARG D 124 -21.80 -25.29 6.12
C ARG D 124 -20.97 -24.67 7.26
N PRO D 125 -20.01 -23.77 6.91
CA PRO D 125 -19.19 -23.14 7.94
C PRO D 125 -20.02 -22.40 8.93
N THR D 126 -19.71 -22.54 10.20
CA THR D 126 -20.51 -21.93 11.24
C THR D 126 -19.68 -21.00 12.17
N GLY D 127 -18.41 -21.29 12.37
CA GLY D 127 -17.58 -20.43 13.19
C GLY D 127 -16.12 -20.76 12.97
N THR D 128 -15.23 -19.88 13.42
CA THR D 128 -13.77 -20.12 13.33
C THR D 128 -13.10 -19.74 14.65
N PHE D 129 -12.04 -20.46 15.02
CA PHE D 129 -11.34 -20.20 16.27
C PHE D 129 -9.94 -20.73 16.13
N THR D 130 -9.05 -20.33 17.02
CA THR D 130 -7.67 -20.75 16.90
C THR D 130 -7.29 -21.64 18.09
N VAL D 131 -6.46 -22.63 17.81
CA VAL D 131 -6.07 -23.65 18.79
C VAL D 131 -4.58 -23.86 18.63
N VAL D 132 -3.97 -24.45 19.63
CA VAL D 132 -2.61 -24.93 19.55
C VAL D 132 -2.65 -26.47 19.67
N MET D 133 -1.80 -27.14 18.92
CA MET D 133 -1.56 -28.57 19.07
C MET D 133 -0.95 -28.78 20.46
N ARG D 134 -1.65 -29.44 21.37
CA ARG D 134 -1.11 -29.55 22.71
C ARG D 134 0.07 -30.53 22.71
N PRO D 135 0.88 -30.46 23.77
CA PRO D 135 1.97 -31.41 23.97
C PRO D 135 1.53 -32.87 23.98
N ASN D 136 0.31 -33.18 24.42
CA ASN D 136 -0.20 -34.56 24.36
C ASN D 136 -1.00 -34.81 23.08
N TYR D 137 -0.74 -34.00 22.07
CA TYR D 137 -1.30 -34.17 20.73
C TYR D 137 -2.82 -34.24 20.70
N THR D 138 -3.47 -33.57 21.63
CA THR D 138 -4.85 -33.14 21.45
C THR D 138 -4.97 -31.66 21.03
N ILE D 139 -6.19 -31.19 20.79
CA ILE D 139 -6.47 -29.76 20.82
C ILE D 139 -7.67 -29.52 21.72
N LYS D 140 -7.79 -28.29 22.20
CA LYS D 140 -8.88 -27.89 23.06
C LYS D 140 -9.77 -26.98 22.27
N GLY D 141 -10.76 -27.57 21.62
CA GLY D 141 -11.64 -26.85 20.75
C GLY D 141 -13.04 -26.72 21.27
N SER D 142 -13.92 -26.43 20.32
CA SER D 142 -15.34 -26.37 20.53
C SER D 142 -15.97 -27.06 19.32
N PHE D 143 -16.49 -28.26 19.54
CA PHE D 143 -17.01 -29.12 18.48
C PHE D 143 -18.20 -29.87 19.04
N LEU D 144 -19.26 -29.98 18.25
CA LEU D 144 -20.36 -30.87 18.54
C LEU D 144 -20.30 -32.02 17.55
N CYS D 145 -21.15 -33.04 17.73
CA CYS D 145 -21.17 -34.14 16.80
C CYS D 145 -21.70 -33.60 15.48
N GLY D 146 -21.15 -34.09 14.38
CA GLY D 146 -21.49 -33.51 13.09
C GLY D 146 -20.44 -32.51 12.65
N SER D 147 -19.48 -32.21 13.53
CA SER D 147 -18.41 -31.25 13.24
C SER D 147 -17.27 -31.95 12.55
N CYS D 148 -17.32 -33.28 12.50
CA CYS D 148 -16.21 -34.04 11.95
C CYS D 148 -16.03 -33.64 10.48
N GLY D 149 -14.80 -33.70 10.01
CA GLY D 149 -14.44 -33.16 8.71
C GLY D 149 -14.11 -31.65 8.75
N SER D 150 -14.39 -30.97 9.86
CA SER D 150 -13.94 -29.58 10.03
C SER D 150 -12.44 -29.50 9.80
N VAL D 151 -11.92 -28.39 9.28
CA VAL D 151 -10.50 -28.36 8.97
C VAL D 151 -9.71 -27.28 9.70
N GLY D 152 -8.47 -27.61 9.99
CA GLY D 152 -7.54 -26.68 10.59
C GLY D 152 -6.43 -26.33 9.62
N TYR D 153 -6.01 -25.07 9.63
CA TYR D 153 -5.04 -24.57 8.67
C TYR D 153 -4.25 -23.36 9.16
N THR D 154 -3.06 -23.21 8.58
CA THR D 154 -2.26 -21.98 8.61
C THR D 154 -2.12 -21.39 7.21
N LYS D 155 -1.77 -20.11 7.12
CA LYS D 155 -1.55 -19.45 5.81
C LYS D 155 -0.16 -18.89 5.78
N GLU D 156 0.57 -19.22 4.72
CA GLU D 156 1.89 -18.65 4.44
C GLU D 156 1.72 -17.76 3.24
N GLY D 157 1.78 -16.45 3.46
CA GLY D 157 1.43 -15.51 2.42
C GLY D 157 0.02 -15.82 1.94
N SER D 158 -0.10 -16.21 0.68
CA SER D 158 -1.37 -16.67 0.16
C SER D 158 -1.53 -18.21 0.19
N VAL D 159 -0.43 -18.95 0.36
CA VAL D 159 -0.46 -20.44 0.41
C VAL D 159 -1.07 -20.96 1.70
N ILE D 160 -2.07 -21.82 1.57
CA ILE D 160 -2.74 -22.41 2.74
C ILE D 160 -2.09 -23.75 3.08
N ASN D 161 -1.74 -23.93 4.35
CA ASN D 161 -1.18 -25.18 4.83
C ASN D 161 -2.27 -25.90 5.61
N PHE D 162 -2.89 -26.89 4.98
CA PHE D 162 -3.92 -27.66 5.66
C PHE D 162 -3.19 -28.61 6.58
N CYS D 163 -3.51 -28.57 7.87
CA CYS D 163 -2.78 -29.39 8.84
C CYS D 163 -3.65 -30.27 9.72
N TYR D 164 -4.96 -30.12 9.69
CA TYR D 164 -5.85 -30.83 10.60
C TYR D 164 -7.26 -31.06 10.05
N MET D 165 -7.74 -32.31 10.17
CA MET D 165 -9.14 -32.63 9.90
C MET D 165 -9.75 -33.36 11.09
N HIS D 166 -10.81 -32.74 11.60
CA HIS D 166 -11.38 -33.09 12.86
C HIS D 166 -12.03 -34.45 12.79
N GLN D 167 -11.66 -35.29 13.75
CA GLN D 167 -12.15 -36.67 13.81
C GLN D 167 -13.02 -37.02 15.01
N MET D 168 -12.66 -36.59 16.22
CA MET D 168 -13.33 -37.10 17.42
C MET D 168 -13.10 -36.29 18.68
N GLU D 169 -14.04 -36.43 19.61
CA GLU D 169 -13.88 -35.88 20.94
C GLU D 169 -13.41 -37.00 21.87
N LEU D 170 -12.39 -36.72 22.68
CA LEU D 170 -11.73 -37.72 23.50
C LEU D 170 -12.13 -37.62 24.99
N ALA D 171 -12.56 -36.43 25.40
CA ALA D 171 -13.04 -36.12 26.76
C ALA D 171 -13.64 -34.72 26.71
N ASN D 172 -14.17 -34.20 27.81
CA ASN D 172 -14.72 -32.87 27.77
C ASN D 172 -13.74 -31.81 27.22
N GLY D 173 -14.24 -30.99 26.30
CA GLY D 173 -13.45 -30.00 25.57
C GLY D 173 -12.12 -30.48 25.01
N THR D 174 -12.00 -31.77 24.67
CA THR D 174 -10.68 -32.33 24.32
C THR D 174 -10.81 -33.16 23.04
N HIS D 175 -10.07 -32.76 21.99
CA HIS D 175 -10.30 -33.25 20.63
C HIS D 175 -9.05 -33.70 19.88
N THR D 176 -9.23 -34.50 18.84
CA THR D 176 -8.13 -34.77 17.94
C THR D 176 -8.65 -35.05 16.54
N GLY D 177 -7.72 -35.20 15.62
CA GLY D 177 -8.04 -35.28 14.21
C GLY D 177 -6.78 -35.72 13.53
N SER D 178 -6.78 -35.80 12.19
CA SER D 178 -5.61 -36.24 11.44
C SER D 178 -4.91 -35.13 10.67
N ALA D 179 -3.65 -35.35 10.35
CA ALA D 179 -2.99 -34.64 9.28
C ALA D 179 -3.51 -35.24 7.96
N PHE D 180 -3.32 -34.53 6.84
CA PHE D 180 -3.88 -34.98 5.56
C PHE D 180 -3.05 -36.08 4.89
N ASP D 181 -2.03 -36.59 5.58
CA ASP D 181 -1.43 -37.84 5.18
C ASP D 181 -2.26 -39.04 5.72
N GLY D 182 -3.32 -38.76 6.47
CA GLY D 182 -4.15 -39.79 7.08
C GLY D 182 -3.80 -40.18 8.53
N THR D 183 -2.62 -39.80 9.00
CA THR D 183 -2.24 -40.14 10.38
C THR D 183 -2.98 -39.28 11.40
N MET D 184 -3.49 -39.92 12.43
CA MET D 184 -4.13 -39.26 13.56
C MET D 184 -3.08 -38.60 14.45
N TYR D 185 -3.26 -37.32 14.79
CA TYR D 185 -2.36 -36.68 15.76
C TYR D 185 -2.44 -37.49 17.05
N GLY D 186 -1.30 -37.80 17.65
CA GLY D 186 -1.30 -38.49 18.94
C GLY D 186 -1.62 -39.99 18.83
N ALA D 187 -1.68 -40.48 17.58
CA ALA D 187 -1.90 -41.89 17.27
C ALA D 187 -3.16 -42.46 17.94
N PHE D 188 -4.12 -41.61 18.29
CA PHE D 188 -5.38 -42.13 18.83
C PHE D 188 -6.13 -42.91 17.76
N MET D 189 -6.97 -43.88 18.20
CA MET D 189 -7.74 -44.70 17.28
C MET D 189 -9.11 -44.06 17.02
N ASP D 190 -9.57 -44.05 15.77
CA ASP D 190 -10.93 -43.56 15.51
C ASP D 190 -11.96 -44.65 15.79
N LYS D 191 -12.40 -44.69 17.04
CA LYS D 191 -13.40 -45.65 17.51
C LYS D 191 -14.00 -45.19 18.85
N GLN D 192 -15.22 -45.63 19.13
CA GLN D 192 -15.95 -45.12 20.29
C GLN D 192 -15.59 -45.86 21.57
N VAL D 193 -14.34 -45.76 21.95
CA VAL D 193 -13.90 -46.29 23.26
C VAL D 193 -13.05 -45.23 23.95
N HIS D 194 -13.24 -45.09 25.26
CA HIS D 194 -12.41 -44.17 26.03
C HIS D 194 -10.94 -44.54 25.84
N GLN D 195 -10.13 -43.53 25.55
CA GLN D 195 -8.69 -43.72 25.37
C GLN D 195 -7.95 -42.81 26.32
N VAL D 196 -6.80 -43.27 26.80
CA VAL D 196 -6.03 -42.47 27.75
C VAL D 196 -5.12 -41.48 27.02
N GLN D 197 -5.23 -40.20 27.40
CA GLN D 197 -4.33 -39.17 26.86
CA GLN D 197 -4.35 -39.18 26.86
C GLN D 197 -3.13 -38.98 27.77
N LEU D 198 -1.95 -38.83 27.19
CA LEU D 198 -0.79 -38.42 28.00
C LEU D 198 -1.06 -37.07 28.68
N THR D 199 -0.22 -36.74 29.67
CA THR D 199 -0.47 -35.53 30.45
CA THR D 199 -0.34 -35.54 30.48
C THR D 199 -0.07 -34.32 29.61
N ASP D 200 -0.91 -33.30 29.72
CA ASP D 200 -0.72 -32.05 28.99
C ASP D 200 0.38 -31.29 29.68
N LYS D 201 1.02 -30.38 28.95
CA LYS D 201 2.05 -29.51 29.50
C LYS D 201 1.90 -28.06 29.00
N TYR D 202 2.33 -27.09 29.83
CA TYR D 202 2.44 -25.68 29.41
C TYR D 202 3.50 -25.56 28.35
N CYS D 203 3.17 -24.85 27.27
CA CYS D 203 4.12 -24.58 26.18
C CYS D 203 4.98 -23.34 26.51
N SER D 204 6.16 -23.60 27.08
CA SER D 204 7.09 -22.59 27.58
C SER D 204 7.30 -21.40 26.62
N VAL D 205 7.70 -21.65 25.37
CA VAL D 205 7.95 -20.54 24.45
C VAL D 205 6.74 -19.67 24.24
N ASN D 206 5.56 -20.27 24.25
CA ASN D 206 4.38 -19.48 24.01
C ASN D 206 4.05 -18.64 25.22
N VAL D 207 4.34 -19.15 26.41
CA VAL D 207 4.15 -18.35 27.63
C VAL D 207 5.14 -17.17 27.62
N VAL D 208 6.39 -17.41 27.26
CA VAL D 208 7.34 -16.32 27.08
C VAL D 208 6.77 -15.31 26.10
N ALA D 209 6.26 -15.78 24.94
CA ALA D 209 5.67 -14.86 23.93
C ALA D 209 4.61 -13.99 24.58
N TRP D 210 3.78 -14.62 25.39
CA TRP D 210 2.63 -13.91 25.97
C TRP D 210 3.08 -12.84 26.99
N LEU D 211 4.13 -13.15 27.75
CA LEU D 211 4.69 -12.22 28.72
C LEU D 211 5.34 -11.01 28.02
N TYR D 212 6.00 -11.26 26.89
CA TYR D 212 6.50 -10.16 26.07
C TYR D 212 5.37 -9.26 25.58
N ALA D 213 4.25 -9.85 25.16
CA ALA D 213 3.09 -9.08 24.71
C ALA D 213 2.56 -8.26 25.84
N ALA D 214 2.60 -8.83 27.05
CA ALA D 214 2.08 -8.09 28.19
C ALA D 214 2.94 -6.84 28.41
N ILE D 215 4.25 -7.00 28.30
CA ILE D 215 5.20 -5.91 28.51
C ILE D 215 4.92 -4.79 27.49
N LEU D 216 4.84 -5.17 26.21
CA LEU D 216 4.57 -4.27 25.12
C LEU D 216 3.26 -3.55 25.29
N ASN D 217 2.34 -4.14 26.03
CA ASN D 217 1.09 -3.49 26.37
C ASN D 217 1.05 -2.83 27.76
N GLY D 218 2.19 -2.64 28.39
CA GLY D 218 2.18 -1.86 29.62
C GLY D 218 1.77 -2.62 30.89
N CYS D 219 1.93 -3.95 30.82
CA CYS D 219 1.77 -4.83 31.97
C CYS D 219 3.10 -5.52 32.19
N ALA D 220 3.87 -5.08 33.19
CA ALA D 220 5.23 -5.59 33.39
C ALA D 220 5.62 -5.69 34.86
N TRP D 221 4.63 -5.72 35.74
CA TRP D 221 4.89 -5.83 37.18
C TRP D 221 5.70 -7.08 37.49
N PHE D 222 5.49 -8.15 36.72
CA PHE D 222 6.17 -9.42 36.97
C PHE D 222 7.63 -9.41 36.52
N VAL D 223 8.06 -8.34 35.87
CA VAL D 223 9.44 -8.30 35.35
C VAL D 223 10.38 -7.86 36.47
N LYS D 224 11.46 -8.61 36.69
CA LYS D 224 12.44 -8.35 37.75
C LYS D 224 13.85 -8.64 37.27
N PRO D 225 14.86 -8.16 38.02
CA PRO D 225 16.24 -8.36 37.58
C PRO D 225 16.65 -9.82 37.71
N ASN D 226 16.07 -10.48 38.70
CA ASN D 226 16.32 -11.90 38.93
CA ASN D 226 16.38 -11.90 38.91
C ASN D 226 16.18 -12.65 37.59
N ARG D 227 17.18 -13.46 37.26
CA ARG D 227 17.23 -14.28 36.03
CA ARG D 227 17.17 -14.26 36.04
C ARG D 227 17.20 -15.78 36.35
N THR D 228 16.66 -16.58 35.43
CA THR D 228 16.88 -18.04 35.41
C THR D 228 17.38 -18.37 34.00
N SER D 229 18.51 -19.06 33.87
CA SER D 229 19.01 -19.42 32.53
C SER D 229 18.13 -20.47 31.89
N VAL D 230 18.37 -20.71 30.61
CA VAL D 230 17.55 -21.63 29.83
C VAL D 230 17.73 -23.07 30.33
N VAL D 231 19.00 -23.48 30.42
CA VAL D 231 19.37 -24.81 30.91
C VAL D 231 18.77 -25.04 32.29
N SER D 232 18.89 -24.05 33.16
CA SER D 232 18.27 -24.17 34.47
C SER D 232 16.73 -24.22 34.34
N PHE D 233 16.14 -23.38 33.48
CA PHE D 233 14.68 -23.40 33.30
C PHE D 233 14.22 -24.79 32.85
N ASN D 234 14.93 -25.36 31.89
CA ASN D 234 14.46 -26.56 31.26
C ASN D 234 14.52 -27.72 32.27
N GLU D 235 15.62 -27.83 33.02
CA GLU D 235 15.75 -28.83 34.06
C GLU D 235 14.55 -28.73 35.00
N TRP D 236 14.19 -27.51 35.35
CA TRP D 236 13.04 -27.28 36.22
C TRP D 236 11.72 -27.65 35.52
N ALA D 237 11.71 -27.45 34.19
CA ALA D 237 10.52 -27.72 33.39
C ALA D 237 10.17 -29.22 33.38
N LEU D 238 11.18 -30.04 33.17
CA LEU D 238 11.06 -31.50 33.18
C LEU D 238 10.26 -32.03 34.33
N ALA D 239 10.35 -31.34 35.47
CA ALA D 239 9.73 -31.82 36.69
C ALA D 239 8.53 -31.00 37.04
N ASN D 240 8.21 -29.98 36.23
CA ASN D 240 7.04 -29.14 36.52
C ASN D 240 6.00 -29.04 35.40
N GLN D 241 6.04 -29.98 34.47
CA GLN D 241 5.01 -30.06 33.44
CA GLN D 241 5.08 -30.10 33.38
C GLN D 241 5.11 -28.87 32.47
N PHE D 242 6.33 -28.51 32.09
CA PHE D 242 6.59 -27.47 31.11
C PHE D 242 7.41 -28.14 30.05
N THR D 243 7.17 -27.73 28.83
CA THR D 243 7.95 -28.14 27.68
C THR D 243 9.34 -27.58 27.77
N GLU D 244 10.21 -28.17 26.99
CA GLU D 244 11.52 -27.64 26.78
C GLU D 244 11.45 -26.30 26.04
N PHE D 245 12.00 -25.26 26.67
CA PHE D 245 12.17 -23.98 26.00
C PHE D 245 13.22 -24.03 24.93
N VAL D 246 12.80 -23.78 23.69
CA VAL D 246 13.68 -23.62 22.55
C VAL D 246 13.46 -22.21 21.98
N GLY D 247 14.45 -21.34 22.13
CA GLY D 247 14.32 -19.97 21.65
C GLY D 247 14.35 -19.88 20.14
N THR D 248 13.71 -18.86 19.57
CA THR D 248 13.72 -18.58 18.12
C THR D 248 14.05 -17.11 17.79
N GLN D 249 14.27 -16.85 16.51
CA GLN D 249 14.44 -15.49 16.01
C GLN D 249 13.22 -14.65 16.35
N SER D 250 12.07 -15.27 16.26
CA SER D 250 10.84 -14.61 16.60
C SER D 250 10.87 -14.16 18.07
N VAL D 251 11.22 -15.06 19.01
CA VAL D 251 11.27 -14.68 20.42
C VAL D 251 12.31 -13.58 20.64
N ASP D 252 13.40 -13.65 19.88
CA ASP D 252 14.50 -12.72 20.06
C ASP D 252 14.13 -11.32 19.60
N MET D 253 13.32 -11.23 18.55
CA MET D 253 12.79 -9.95 18.10
C MET D 253 12.06 -9.29 19.23
N LEU D 254 11.30 -10.06 20.01
CA LEU D 254 10.56 -9.53 21.15
C LEU D 254 11.47 -9.07 22.30
N ALA D 255 12.53 -9.83 22.54
CA ALA D 255 13.51 -9.50 23.58
C ALA D 255 14.18 -8.14 23.28
N VAL D 256 14.68 -8.01 22.06
CA VAL D 256 15.25 -6.78 21.52
C VAL D 256 14.31 -5.60 21.71
N LYS D 257 13.09 -5.74 21.19
CA LYS D 257 12.18 -4.62 21.22
C LYS D 257 11.91 -4.18 22.67
N THR D 258 11.62 -5.12 23.56
CA THR D 258 11.28 -4.77 24.93
C THR D 258 12.51 -4.49 25.81
N GLY D 259 13.68 -4.89 25.33
CA GLY D 259 14.86 -4.96 26.17
C GLY D 259 14.68 -5.79 27.43
N VAL D 260 13.85 -6.83 27.39
CA VAL D 260 13.72 -7.73 28.54
C VAL D 260 14.22 -9.09 28.10
N ALA D 261 15.16 -9.64 28.86
CA ALA D 261 15.85 -10.86 28.45
C ALA D 261 14.94 -12.04 28.68
N ILE D 262 15.13 -13.07 27.86
CA ILE D 262 14.36 -14.29 27.99
C ILE D 262 14.45 -14.79 29.41
N GLU D 263 15.69 -14.80 29.92
CA GLU D 263 15.99 -15.38 31.21
C GLU D 263 15.23 -14.68 32.32
N GLN D 264 14.88 -13.40 32.15
CA GLN D 264 14.09 -12.74 33.16
C GLN D 264 12.66 -13.28 33.17
N LEU D 265 12.18 -13.69 31.99
CA LEU D 265 10.82 -14.20 31.84
C LEU D 265 10.71 -15.65 32.31
N LEU D 266 11.74 -16.44 32.04
CA LEU D 266 11.85 -17.78 32.60
C LEU D 266 11.78 -17.78 34.11
N TYR D 267 12.41 -16.77 34.74
CA TYR D 267 12.32 -16.62 36.18
C TYR D 267 10.91 -16.21 36.57
N ALA D 268 10.30 -15.30 35.81
CA ALA D 268 8.97 -14.88 36.19
C ALA D 268 8.02 -16.08 36.08
N ILE D 269 8.25 -16.93 35.09
CA ILE D 269 7.35 -18.07 34.88
C ILE D 269 7.40 -19.01 36.09
N GLN D 270 8.59 -19.33 36.56
CA GLN D 270 8.67 -20.12 37.81
C GLN D 270 7.84 -19.54 38.96
N GLN D 271 7.95 -18.23 39.20
CA GLN D 271 7.20 -17.64 40.30
C GLN D 271 5.71 -17.65 40.02
N LEU D 272 5.33 -17.24 38.83
CA LEU D 272 3.92 -17.12 38.47
C LEU D 272 3.21 -18.46 38.58
N TYR D 273 3.95 -19.50 38.24
CA TYR D 273 3.43 -20.87 38.29
C TYR D 273 2.99 -21.24 39.72
N THR D 274 3.65 -20.70 40.76
CA THR D 274 3.20 -20.99 42.12
C THR D 274 2.08 -20.04 42.51
N GLY D 275 1.92 -18.94 41.79
CA GLY D 275 0.79 -18.04 42.04
C GLY D 275 0.96 -16.67 41.43
N PHE D 276 -0.14 -15.94 41.29
CA PHE D 276 -0.14 -14.63 40.61
C PHE D 276 -0.19 -13.46 41.61
N GLN D 277 -0.25 -13.79 42.90
CA GLN D 277 -0.08 -12.80 43.96
C GLN D 277 -1.13 -11.70 43.93
N GLY D 278 -2.39 -12.08 43.75
CA GLY D 278 -3.47 -11.12 43.65
C GLY D 278 -3.48 -10.26 42.39
N LYS D 279 -2.58 -10.54 41.44
CA LYS D 279 -2.42 -9.71 40.25
C LYS D 279 -2.98 -10.36 38.98
N GLN D 280 -3.08 -9.54 37.94
CA GLN D 280 -3.54 -9.97 36.63
C GLN D 280 -2.50 -9.68 35.55
N ILE D 281 -2.49 -10.48 34.51
CA ILE D 281 -1.63 -10.22 33.35
C ILE D 281 -2.48 -10.28 32.11
N LEU D 282 -2.64 -9.13 31.45
CA LEU D 282 -3.53 -9.02 30.30
C LEU D 282 -4.85 -9.71 30.59
N GLY D 283 -5.39 -9.42 31.78
CA GLY D 283 -6.69 -9.91 32.21
C GLY D 283 -6.74 -11.34 32.72
N SER D 284 -5.68 -12.11 32.57
CA SER D 284 -5.65 -13.49 33.05
C SER D 284 -5.03 -13.63 34.44
N THR D 285 -5.54 -14.58 35.24
CA THR D 285 -4.95 -14.92 36.55
C THR D 285 -4.28 -16.28 36.51
N MET D 286 -4.09 -16.80 35.31
CA MET D 286 -3.28 -18.00 35.11
CA MET D 286 -3.27 -17.99 35.11
C MET D 286 -2.46 -17.83 33.85
N LEU D 287 -1.46 -18.67 33.66
CA LEU D 287 -0.58 -18.52 32.52
C LEU D 287 -1.32 -18.82 31.20
N GLU D 288 -1.01 -18.08 30.14
CA GLU D 288 -1.58 -18.34 28.81
C GLU D 288 -0.47 -18.86 27.91
N ASP D 289 -0.70 -20.03 27.32
CA ASP D 289 0.29 -20.62 26.43
C ASP D 289 -0.19 -20.92 24.98
N GLU D 290 -1.31 -20.35 24.53
CA GLU D 290 -1.69 -20.58 23.14
C GLU D 290 -1.43 -19.35 22.23
N PHE D 291 -0.58 -18.43 22.69
CA PHE D 291 -0.11 -17.32 21.86
C PHE D 291 1.32 -17.58 21.49
N THR D 292 1.58 -17.76 20.21
CA THR D 292 2.93 -18.07 19.77
C THR D 292 3.76 -16.80 19.58
N PRO D 293 5.09 -16.96 19.49
CA PRO D 293 5.93 -15.81 19.18
C PRO D 293 5.52 -15.16 17.86
N GLU D 294 5.26 -15.95 16.82
CA GLU D 294 4.91 -15.41 15.51
C GLU D 294 3.61 -14.59 15.61
N ASP D 295 2.68 -15.11 16.38
CA ASP D 295 1.40 -14.48 16.59
C ASP D 295 1.54 -13.12 17.35
N VAL D 296 2.42 -13.08 18.35
CA VAL D 296 2.55 -11.86 19.15
C VAL D 296 3.21 -10.76 18.29
N ASN D 297 4.17 -11.18 17.47
CA ASN D 297 4.91 -10.30 16.59
C ASN D 297 4.01 -9.69 15.53
N MET D 298 3.06 -10.48 15.07
CA MET D 298 2.13 -10.04 14.03
C MET D 298 1.10 -9.07 14.62
N GLN D 299 0.55 -9.39 15.78
CA GLN D 299 -0.46 -8.52 16.37
C GLN D 299 0.07 -7.21 16.92
N ILE D 300 1.32 -7.19 17.35
CA ILE D 300 1.80 -6.05 18.12
C ILE D 300 2.75 -5.20 17.30
N MET D 301 3.64 -5.87 16.58
CA MET D 301 4.71 -5.18 15.88
C MET D 301 4.50 -5.19 14.37
N GLY D 302 3.24 -5.36 13.93
CA GLY D 302 2.93 -5.50 12.52
C GLY D 302 3.92 -6.34 11.71
N VAL D 303 4.48 -7.38 12.34
CA VAL D 303 5.47 -8.27 11.71
C VAL D 303 4.85 -9.47 10.99
N VAL D 304 4.82 -9.40 9.66
CA VAL D 304 4.26 -10.44 8.79
C VAL D 304 4.60 -11.87 9.24
#